data_2KK2
#
_entry.id   2KK2
#
_entity_poly.entity_id   1
_entity_poly.type   'polypeptide(L)'
_entity_poly.pdbx_seq_one_letter_code
;YNPEDDYTPLTCPHTISVVWYECTENTANCGTACCDSCFELTGNTMCLLQAGAAGSGCDME
;
_entity_poly.pdbx_strand_id   A
#
# COMPACT_ATOMS: atom_id res chain seq x y z
N TYR A 1 -1.39 3.72 15.34
CA TYR A 1 -1.68 4.31 14.02
C TYR A 1 -2.00 3.22 13.03
N ASN A 2 -3.22 3.24 12.48
CA ASN A 2 -3.66 2.36 11.43
C ASN A 2 -3.54 3.09 10.09
N PRO A 3 -2.97 2.47 9.04
CA PRO A 3 -2.85 3.09 7.73
C PRO A 3 -4.19 3.37 7.08
N GLU A 4 -5.23 2.60 7.44
CA GLU A 4 -6.60 2.79 6.99
C GLU A 4 -7.19 4.14 7.48
N ASP A 5 -6.45 4.91 8.29
CA ASP A 5 -6.78 6.27 8.70
C ASP A 5 -6.45 7.31 7.61
N ASP A 6 -5.65 6.94 6.61
CA ASP A 6 -5.22 7.75 5.47
C ASP A 6 -5.23 6.89 4.20
N TYR A 7 -6.05 5.83 4.19
CA TYR A 7 -6.46 5.12 2.99
C TYR A 7 -7.20 6.10 2.07
N THR A 8 -7.05 5.94 0.76
CA THR A 8 -7.62 6.83 -0.25
C THR A 8 -8.53 6.06 -1.23
N PRO A 9 -9.78 5.72 -0.83
CA PRO A 9 -10.68 5.00 -1.71
C PRO A 9 -11.01 5.78 -2.99
N LEU A 10 -10.95 7.12 -2.94
CA LEU A 10 -11.47 8.04 -3.92
C LEU A 10 -10.98 7.70 -5.32
N THR A 11 -9.69 7.40 -5.43
CA THR A 11 -9.01 7.05 -6.67
C THR A 11 -8.62 5.58 -6.67
N CYS A 12 -8.55 4.91 -5.50
CA CYS A 12 -7.87 3.63 -5.45
C CYS A 12 -8.74 2.51 -6.02
N PRO A 13 -8.22 1.64 -6.90
CA PRO A 13 -8.98 0.52 -7.44
C PRO A 13 -9.27 -0.60 -6.42
N HIS A 14 -8.71 -0.53 -5.22
CA HIS A 14 -8.80 -1.57 -4.18
C HIS A 14 -9.70 -1.06 -3.06
N THR A 15 -10.36 -1.97 -2.36
CA THR A 15 -11.30 -1.65 -1.29
C THR A 15 -10.57 -1.73 0.05
N ILE A 16 -11.13 -1.15 1.11
CA ILE A 16 -10.53 -1.15 2.45
C ILE A 16 -10.37 -2.57 3.02
N SER A 17 -11.12 -3.53 2.49
CA SER A 17 -11.00 -4.93 2.79
C SER A 17 -9.64 -5.46 2.31
N VAL A 18 -9.29 -5.13 1.06
CA VAL A 18 -8.25 -5.78 0.29
C VAL A 18 -7.30 -4.70 -0.22
N VAL A 19 -6.92 -3.77 0.65
CA VAL A 19 -5.93 -2.76 0.33
C VAL A 19 -4.57 -3.19 0.88
N TRP A 20 -4.50 -3.55 2.17
CA TRP A 20 -3.23 -3.76 2.85
C TRP A 20 -2.45 -4.88 2.19
N TYR A 21 -3.03 -6.08 2.14
CA TYR A 21 -2.46 -7.23 1.45
C TYR A 21 -2.05 -6.82 0.03
N GLU A 22 -2.92 -6.09 -0.65
CA GLU A 22 -2.87 -5.94 -2.08
C GLU A 22 -1.64 -5.08 -2.42
N CYS A 23 -1.37 -4.01 -1.67
CA CYS A 23 -0.28 -3.09 -1.99
C CYS A 23 0.99 -3.50 -1.28
N THR A 24 0.99 -4.61 -0.54
CA THR A 24 2.15 -5.02 0.23
C THR A 24 2.63 -6.43 -0.11
N GLU A 25 1.84 -7.23 -0.84
CA GLU A 25 2.02 -8.67 -0.95
C GLU A 25 1.63 -9.21 -2.32
N ASN A 26 0.57 -8.66 -2.92
CA ASN A 26 0.18 -9.00 -4.29
C ASN A 26 1.17 -8.38 -5.29
N THR A 27 2.23 -9.13 -5.62
CA THR A 27 3.31 -8.66 -6.48
C THR A 27 2.86 -8.26 -7.89
N ALA A 28 1.66 -8.66 -8.32
CA ALA A 28 1.05 -8.23 -9.56
C ALA A 28 0.61 -6.76 -9.57
N ASN A 29 0.66 -6.02 -8.45
CA ASN A 29 0.67 -4.54 -8.51
C ASN A 29 1.21 -3.84 -7.24
N CYS A 30 1.74 -4.55 -6.23
CA CYS A 30 2.28 -3.92 -5.03
C CYS A 30 3.60 -3.19 -5.29
N GLY A 31 3.89 -2.17 -4.49
CA GLY A 31 5.08 -1.33 -4.60
C GLY A 31 4.77 0.11 -4.23
N THR A 32 5.75 1.01 -4.39
CA THR A 32 5.62 2.42 -3.99
C THR A 32 4.44 3.08 -4.70
N ALA A 33 4.29 2.90 -6.01
CA ALA A 33 3.18 3.50 -6.76
C ALA A 33 1.84 2.97 -6.25
N CYS A 34 1.79 1.74 -5.71
CA CYS A 34 0.58 1.18 -5.15
C CYS A 34 0.19 1.94 -3.91
N CYS A 35 1.14 2.06 -2.97
CA CYS A 35 0.93 2.80 -1.73
C CYS A 35 0.51 4.23 -2.06
N ASP A 36 1.18 4.89 -3.00
CA ASP A 36 0.92 6.28 -3.38
C ASP A 36 -0.43 6.50 -4.06
N SER A 37 -1.13 5.43 -4.44
CA SER A 37 -2.46 5.46 -5.02
C SER A 37 -3.50 4.76 -4.15
N CYS A 38 -3.17 4.40 -2.91
CA CYS A 38 -4.15 3.91 -1.95
C CYS A 38 -3.97 4.46 -0.54
N PHE A 39 -2.88 5.16 -0.23
CA PHE A 39 -2.58 5.67 1.10
C PHE A 39 -1.78 6.95 1.02
N GLU A 40 -1.93 7.80 2.04
CA GLU A 40 -1.20 9.05 2.17
C GLU A 40 -0.51 9.10 3.53
N LEU A 41 0.39 10.07 3.70
CA LEU A 41 0.97 10.47 4.98
C LEU A 41 1.60 9.27 5.71
N THR A 42 1.31 9.12 7.00
CA THR A 42 1.78 8.01 7.81
C THR A 42 1.19 6.68 7.33
N GLY A 43 0.04 6.68 6.64
CA GLY A 43 -0.54 5.50 6.02
C GLY A 43 0.31 5.04 4.86
N ASN A 44 0.76 5.99 4.04
CA ASN A 44 1.67 5.77 2.93
C ASN A 44 2.95 5.15 3.47
N THR A 45 3.54 5.79 4.48
CA THR A 45 4.71 5.32 5.19
C THR A 45 4.53 3.85 5.63
N MET A 46 3.45 3.55 6.35
CA MET A 46 3.20 2.22 6.89
C MET A 46 3.09 1.21 5.75
N CYS A 47 2.40 1.55 4.65
CA CYS A 47 2.27 0.73 3.46
C CYS A 47 3.66 0.42 2.88
N LEU A 48 4.48 1.44 2.64
CA LEU A 48 5.84 1.29 2.13
C LEU A 48 6.64 0.37 3.04
N LEU A 49 6.54 0.58 4.35
CA LEU A 49 7.21 -0.24 5.37
C LEU A 49 6.89 -1.73 5.22
N GLN A 50 5.65 -2.08 4.88
CA GLN A 50 5.24 -3.46 4.67
C GLN A 50 5.68 -3.95 3.28
N ALA A 51 5.39 -3.17 2.22
CA ALA A 51 5.67 -3.53 0.84
C ALA A 51 7.16 -3.85 0.63
N GLY A 52 8.05 -3.07 1.24
CA GLY A 52 9.49 -3.22 1.17
C GLY A 52 10.06 -3.72 2.49
N ALA A 53 9.40 -4.69 3.13
CA ALA A 53 9.73 -5.18 4.47
C ALA A 53 11.24 -5.46 4.63
N ALA A 54 11.73 -6.52 3.98
CA ALA A 54 13.14 -6.89 3.95
C ALA A 54 13.45 -7.71 2.69
N GLY A 55 12.79 -7.37 1.59
CA GLY A 55 12.82 -8.08 0.34
C GLY A 55 11.49 -7.92 -0.35
N SER A 56 10.52 -8.78 0.03
CA SER A 56 9.24 -8.90 -0.66
C SER A 56 9.47 -9.27 -2.14
N GLY A 57 8.46 -9.04 -2.97
CA GLY A 57 8.51 -9.12 -4.42
C GLY A 57 7.90 -7.90 -5.10
N CYS A 58 7.58 -6.84 -4.34
CA CYS A 58 7.00 -5.60 -4.84
C CYS A 58 8.03 -4.77 -5.63
N ASP A 59 7.60 -3.63 -6.18
CA ASP A 59 8.46 -2.72 -6.95
C ASP A 59 8.46 -1.35 -6.30
N MET A 60 9.45 -1.07 -5.46
CA MET A 60 9.65 0.23 -4.83
C MET A 60 10.60 1.06 -5.68
N GLU A 61 10.03 2.04 -6.41
CA GLU A 61 10.70 3.08 -7.18
C GLU A 61 11.97 2.56 -7.86
N TYR A 1 -2.67 3.27 15.11
CA TYR A 1 -2.81 4.10 13.90
C TYR A 1 -3.67 3.38 12.86
N ASN A 2 -3.12 2.38 12.16
CA ASN A 2 -3.60 1.72 10.95
C ASN A 2 -3.55 2.66 9.74
N PRO A 3 -2.81 2.32 8.67
CA PRO A 3 -2.75 3.09 7.42
C PRO A 3 -4.13 3.30 6.80
N GLU A 4 -5.10 2.46 7.11
CA GLU A 4 -6.48 2.57 6.68
C GLU A 4 -7.18 3.85 7.18
N ASP A 5 -6.54 4.63 8.06
CA ASP A 5 -6.95 5.98 8.45
C ASP A 5 -6.71 7.01 7.33
N ASP A 6 -5.72 6.76 6.47
CA ASP A 6 -5.31 7.58 5.33
C ASP A 6 -5.41 6.77 4.04
N TYR A 7 -6.24 5.71 4.06
CA TYR A 7 -6.66 5.00 2.87
C TYR A 7 -7.51 5.93 2.01
N THR A 8 -7.25 6.00 0.71
CA THR A 8 -7.91 6.93 -0.19
C THR A 8 -8.75 6.17 -1.22
N PRO A 9 -10.02 5.83 -0.94
CA PRO A 9 -10.87 5.10 -1.86
C PRO A 9 -11.13 5.86 -3.16
N LEU A 10 -10.98 7.19 -3.13
CA LEU A 10 -11.03 8.10 -4.26
C LEU A 10 -10.14 7.62 -5.40
N THR A 11 -8.94 7.15 -5.06
CA THR A 11 -7.85 6.87 -5.97
C THR A 11 -7.42 5.41 -5.89
N CYS A 12 -7.98 4.62 -4.95
CA CYS A 12 -7.57 3.26 -4.74
C CYS A 12 -8.45 2.30 -5.55
N PRO A 13 -7.88 1.49 -6.47
CA PRO A 13 -8.59 0.43 -7.17
C PRO A 13 -8.88 -0.81 -6.29
N HIS A 14 -8.70 -0.70 -4.98
CA HIS A 14 -8.78 -1.81 -4.03
C HIS A 14 -9.69 -1.37 -2.90
N THR A 15 -10.66 -2.20 -2.55
CA THR A 15 -11.62 -1.88 -1.51
C THR A 15 -10.95 -2.06 -0.15
N ILE A 16 -11.42 -1.39 0.91
CA ILE A 16 -10.73 -1.42 2.21
C ILE A 16 -10.68 -2.84 2.80
N SER A 17 -11.61 -3.71 2.38
CA SER A 17 -11.64 -5.12 2.73
C SER A 17 -10.32 -5.79 2.32
N VAL A 18 -9.76 -5.39 1.18
CA VAL A 18 -8.60 -6.04 0.55
C VAL A 18 -7.64 -4.97 0.02
N VAL A 19 -7.37 -3.89 0.74
CA VAL A 19 -6.38 -2.91 0.30
C VAL A 19 -5.00 -3.23 0.85
N TRP A 20 -4.85 -3.44 2.16
CA TRP A 20 -3.55 -3.61 2.78
C TRP A 20 -2.81 -4.79 2.15
N TYR A 21 -3.40 -5.99 2.21
CA TYR A 21 -2.85 -7.19 1.61
C TYR A 21 -2.41 -6.93 0.17
N GLU A 22 -3.30 -6.39 -0.65
CA GLU A 22 -3.15 -6.29 -2.08
C GLU A 22 -1.92 -5.41 -2.34
N CYS A 23 -1.80 -4.27 -1.65
CA CYS A 23 -0.89 -3.20 -1.99
C CYS A 23 0.46 -3.46 -1.33
N THR A 24 0.53 -4.48 -0.46
CA THR A 24 1.70 -4.76 0.33
C THR A 24 2.17 -6.21 0.22
N GLU A 25 1.49 -7.07 -0.55
CA GLU A 25 1.80 -8.49 -0.70
C GLU A 25 1.69 -8.91 -2.16
N ASN A 26 0.54 -8.66 -2.78
CA ASN A 26 0.21 -9.12 -4.13
C ASN A 26 1.13 -8.44 -5.15
N THR A 27 2.26 -9.06 -5.52
CA THR A 27 3.39 -8.41 -6.17
C THR A 27 3.05 -7.85 -7.55
N ALA A 28 1.97 -8.34 -8.15
CA ALA A 28 1.43 -7.85 -9.41
C ALA A 28 1.06 -6.36 -9.35
N ASN A 29 0.87 -5.82 -8.14
CA ASN A 29 0.39 -4.47 -7.90
C ASN A 29 1.27 -3.78 -6.86
N CYS A 30 1.52 -4.48 -5.74
CA CYS A 30 2.19 -4.00 -4.54
C CYS A 30 3.49 -3.27 -4.85
N GLY A 31 3.70 -2.16 -4.13
CA GLY A 31 4.90 -1.35 -4.23
C GLY A 31 4.60 0.12 -4.01
N THR A 32 5.63 0.95 -4.18
CA THR A 32 5.61 2.37 -3.83
C THR A 32 4.47 3.11 -4.53
N ALA A 33 4.27 2.88 -5.84
CA ALA A 33 3.26 3.60 -6.60
C ALA A 33 1.84 3.20 -6.18
N CYS A 34 1.60 1.91 -5.90
CA CYS A 34 0.34 1.43 -5.35
C CYS A 34 0.08 2.17 -4.03
N CYS A 35 1.07 2.16 -3.13
CA CYS A 35 0.96 2.80 -1.84
C CYS A 35 0.54 4.26 -2.03
N ASP A 36 1.28 5.06 -2.81
CA ASP A 36 1.03 6.51 -2.96
C ASP A 36 -0.27 6.85 -3.71
N SER A 37 -0.94 5.83 -4.26
CA SER A 37 -2.26 5.93 -4.87
C SER A 37 -3.39 5.49 -3.92
N CYS A 38 -3.08 4.74 -2.87
CA CYS A 38 -4.08 4.14 -1.99
C CYS A 38 -3.94 4.56 -0.53
N PHE A 39 -2.81 5.13 -0.13
CA PHE A 39 -2.46 5.51 1.21
C PHE A 39 -1.55 6.73 1.16
N GLU A 40 -1.80 7.67 2.03
CA GLU A 40 -1.12 8.95 2.04
C GLU A 40 -0.45 9.16 3.39
N LEU A 41 0.45 10.13 3.45
CA LEU A 41 1.03 10.63 4.68
C LEU A 41 1.63 9.47 5.52
N THR A 42 1.35 9.41 6.82
CA THR A 42 1.82 8.35 7.71
C THR A 42 1.39 6.96 7.21
N GLY A 43 0.25 6.86 6.53
CA GLY A 43 -0.27 5.62 5.97
C GLY A 43 0.55 5.19 4.78
N ASN A 44 1.00 6.16 3.97
CA ASN A 44 1.95 5.91 2.91
C ASN A 44 3.20 5.29 3.49
N THR A 45 3.81 5.93 4.49
CA THR A 45 5.01 5.41 5.14
C THR A 45 4.80 3.96 5.57
N MET A 46 3.70 3.64 6.30
CA MET A 46 3.48 2.26 6.74
C MET A 46 3.35 1.30 5.55
N CYS A 47 2.61 1.67 4.50
CA CYS A 47 2.45 0.85 3.30
C CYS A 47 3.79 0.52 2.67
N LEU A 48 4.64 1.53 2.45
CA LEU A 48 5.99 1.36 1.93
C LEU A 48 6.76 0.37 2.77
N LEU A 49 6.75 0.57 4.09
CA LEU A 49 7.48 -0.25 5.05
C LEU A 49 7.05 -1.70 5.08
N GLN A 50 5.81 -2.02 4.72
CA GLN A 50 5.38 -3.40 4.50
C GLN A 50 5.84 -3.89 3.12
N ALA A 51 5.51 -3.18 2.03
CA ALA A 51 5.77 -3.62 0.66
C ALA A 51 7.26 -3.82 0.40
N GLY A 52 8.10 -2.80 0.63
CA GLY A 52 9.54 -2.84 0.37
C GLY A 52 10.34 -3.40 1.55
N ALA A 53 9.72 -4.19 2.44
CA ALA A 53 10.37 -4.73 3.62
C ALA A 53 11.54 -5.65 3.24
N ALA A 54 11.23 -6.92 2.95
CA ALA A 54 12.15 -7.98 2.55
C ALA A 54 11.30 -9.16 2.06
N GLY A 55 11.90 -10.01 1.23
CA GLY A 55 11.29 -11.18 0.62
C GLY A 55 10.32 -10.83 -0.51
N SER A 56 9.62 -9.69 -0.38
CA SER A 56 8.41 -9.30 -1.07
C SER A 56 8.43 -9.52 -2.58
N GLY A 57 9.37 -8.93 -3.31
CA GLY A 57 9.34 -8.92 -4.77
C GLY A 57 8.37 -7.87 -5.32
N CYS A 58 8.07 -6.84 -4.52
CA CYS A 58 7.29 -5.68 -4.91
C CYS A 58 8.21 -4.53 -5.34
N ASP A 59 7.64 -3.53 -6.01
CA ASP A 59 8.33 -2.34 -6.47
C ASP A 59 8.69 -1.48 -5.26
N MET A 60 9.97 -1.21 -4.99
CA MET A 60 10.39 -0.31 -3.92
C MET A 60 11.38 0.73 -4.44
N GLU A 61 11.17 1.99 -4.05
CA GLU A 61 12.24 2.98 -4.00
C GLU A 61 12.89 2.97 -2.61
N TYR A 1 -1.46 2.25 14.98
CA TYR A 1 -1.76 3.32 14.02
C TYR A 1 -2.96 2.95 13.17
N ASN A 2 -2.85 1.91 12.33
CA ASN A 2 -3.74 1.49 11.25
C ASN A 2 -3.67 2.46 10.07
N PRO A 3 -2.93 2.12 8.99
CA PRO A 3 -2.78 2.96 7.81
C PRO A 3 -4.10 3.32 7.14
N GLU A 4 -5.14 2.51 7.36
CA GLU A 4 -6.47 2.71 6.82
C GLU A 4 -7.16 3.98 7.35
N ASP A 5 -6.59 4.69 8.33
CA ASP A 5 -7.01 6.04 8.68
C ASP A 5 -6.78 7.00 7.51
N ASP A 6 -5.61 6.89 6.87
CA ASP A 6 -5.19 7.71 5.73
C ASP A 6 -5.34 6.90 4.44
N TYR A 7 -6.22 5.91 4.45
CA TYR A 7 -6.80 5.29 3.27
C TYR A 7 -7.40 6.41 2.40
N THR A 8 -7.15 6.33 1.10
CA THR A 8 -7.98 7.04 0.14
C THR A 8 -8.62 5.94 -0.71
N PRO A 9 -9.94 5.73 -0.67
CA PRO A 9 -10.58 4.92 -1.68
C PRO A 9 -10.46 5.60 -3.06
N LEU A 10 -10.54 6.93 -3.09
CA LEU A 10 -10.81 7.73 -4.27
C LEU A 10 -9.77 7.59 -5.37
N THR A 11 -8.52 7.27 -5.05
CA THR A 11 -7.48 7.04 -6.03
C THR A 11 -6.88 5.64 -5.88
N CYS A 12 -7.60 4.70 -5.25
CA CYS A 12 -7.09 3.34 -5.18
C CYS A 12 -7.84 2.39 -6.12
N PRO A 13 -7.12 1.54 -6.86
CA PRO A 13 -7.71 0.46 -7.65
C PRO A 13 -8.37 -0.68 -6.84
N HIS A 14 -8.42 -0.57 -5.52
CA HIS A 14 -8.67 -1.68 -4.59
C HIS A 14 -9.89 -1.39 -3.71
N THR A 15 -10.12 -2.22 -2.70
CA THR A 15 -11.17 -2.02 -1.71
C THR A 15 -10.49 -2.07 -0.33
N ILE A 16 -11.07 -1.46 0.70
CA ILE A 16 -10.52 -1.54 2.05
C ILE A 16 -10.50 -3.00 2.57
N SER A 17 -11.24 -3.89 1.93
CA SER A 17 -11.40 -5.28 2.28
C SER A 17 -10.21 -6.14 1.83
N VAL A 18 -9.28 -5.58 1.06
CA VAL A 18 -8.01 -6.25 0.76
C VAL A 18 -6.82 -5.29 0.75
N VAL A 19 -7.00 -3.97 0.70
CA VAL A 19 -5.97 -3.06 0.24
C VAL A 19 -4.61 -3.21 0.92
N TRP A 20 -4.52 -3.49 2.23
CA TRP A 20 -3.24 -3.71 2.88
C TRP A 20 -2.52 -4.87 2.20
N TYR A 21 -3.13 -6.07 2.19
CA TYR A 21 -2.61 -7.20 1.42
C TYR A 21 -2.35 -6.80 -0.02
N GLU A 22 -3.29 -6.12 -0.67
CA GLU A 22 -3.30 -6.10 -2.11
C GLU A 22 -2.34 -5.03 -2.65
N CYS A 23 -1.93 -4.09 -1.78
CA CYS A 23 -1.00 -3.00 -2.03
C CYS A 23 0.37 -3.26 -1.37
N THR A 24 0.49 -4.29 -0.51
CA THR A 24 1.74 -4.55 0.21
C THR A 24 2.21 -6.02 0.18
N GLU A 25 1.45 -6.92 -0.46
CA GLU A 25 1.72 -8.35 -0.45
C GLU A 25 1.49 -8.97 -1.84
N ASN A 26 0.38 -8.64 -2.49
CA ASN A 26 0.01 -9.13 -3.82
C ASN A 26 1.00 -8.63 -4.88
N THR A 27 2.04 -9.41 -5.15
CA THR A 27 3.19 -9.04 -5.98
C THR A 27 2.80 -8.53 -7.37
N ALA A 28 1.68 -9.03 -7.91
CA ALA A 28 1.14 -8.63 -9.21
C ALA A 28 0.71 -7.16 -9.29
N ASN A 29 0.67 -6.40 -8.18
CA ASN A 29 0.51 -4.93 -8.27
C ASN A 29 1.12 -4.15 -7.10
N CYS A 30 1.41 -4.79 -5.96
CA CYS A 30 1.81 -4.08 -4.76
C CYS A 30 3.12 -3.32 -5.00
N GLY A 31 3.27 -2.15 -4.39
CA GLY A 31 4.43 -1.31 -4.64
C GLY A 31 4.20 0.16 -4.34
N THR A 32 5.24 0.98 -4.51
CA THR A 32 5.27 2.39 -4.20
C THR A 32 4.14 3.14 -4.88
N ALA A 33 3.85 2.90 -6.16
CA ALA A 33 2.81 3.62 -6.87
C ALA A 33 1.42 3.25 -6.35
N CYS A 34 1.21 1.98 -5.98
CA CYS A 34 -0.01 1.56 -5.30
C CYS A 34 -0.13 2.34 -3.99
N CYS A 35 0.92 2.28 -3.15
CA CYS A 35 0.93 2.92 -1.85
C CYS A 35 0.73 4.42 -1.95
N ASP A 36 1.10 5.06 -3.07
CA ASP A 36 1.04 6.51 -3.20
C ASP A 36 -0.37 7.06 -3.38
N SER A 37 -1.27 6.23 -3.91
CA SER A 37 -2.63 6.66 -4.26
C SER A 37 -3.69 5.93 -3.43
N CYS A 38 -3.35 4.81 -2.80
CA CYS A 38 -4.23 4.15 -1.86
C CYS A 38 -4.10 4.65 -0.44
N PHE A 39 -3.01 5.35 -0.12
CA PHE A 39 -2.68 5.79 1.21
C PHE A 39 -1.96 7.12 1.10
N GLU A 40 -2.04 7.94 2.14
CA GLU A 40 -1.32 9.22 2.22
C GLU A 40 -0.56 9.28 3.55
N LEU A 41 0.33 10.27 3.67
CA LEU A 41 0.99 10.67 4.92
C LEU A 41 1.60 9.45 5.64
N THR A 42 1.40 9.30 6.96
CA THR A 42 1.95 8.17 7.70
C THR A 42 1.38 6.83 7.20
N GLY A 43 0.19 6.81 6.59
CA GLY A 43 -0.39 5.62 5.95
C GLY A 43 0.44 5.21 4.75
N ASN A 44 0.84 6.19 3.94
CA ASN A 44 1.68 6.01 2.77
C ASN A 44 2.99 5.37 3.22
N THR A 45 3.66 5.98 4.20
CA THR A 45 4.86 5.43 4.80
C THR A 45 4.68 4.00 5.28
N MET A 46 3.64 3.69 6.06
CA MET A 46 3.49 2.33 6.58
C MET A 46 3.30 1.34 5.43
N CYS A 47 2.52 1.69 4.40
CA CYS A 47 2.33 0.89 3.21
C CYS A 47 3.67 0.60 2.54
N LEU A 48 4.47 1.63 2.27
CA LEU A 48 5.81 1.51 1.71
C LEU A 48 6.66 0.60 2.57
N LEU A 49 6.67 0.84 3.89
CA LEU A 49 7.42 0.01 4.82
C LEU A 49 7.05 -1.47 4.73
N GLN A 50 5.76 -1.80 4.60
CA GLN A 50 5.30 -3.16 4.43
C GLN A 50 5.68 -3.73 3.06
N ALA A 51 5.53 -2.97 1.98
CA ALA A 51 5.85 -3.41 0.62
C ALA A 51 7.31 -3.88 0.55
N GLY A 52 8.23 -3.12 1.16
CA GLY A 52 9.65 -3.46 1.24
C GLY A 52 10.00 -4.33 2.45
N ALA A 53 9.04 -4.88 3.20
CA ALA A 53 9.26 -5.54 4.47
C ALA A 53 9.95 -6.88 4.26
N ALA A 54 11.23 -6.83 4.62
CA ALA A 54 12.01 -7.93 5.18
C ALA A 54 12.01 -9.18 4.30
N GLY A 55 12.07 -8.97 2.99
CA GLY A 55 11.78 -9.98 1.97
C GLY A 55 11.09 -9.33 0.76
N SER A 56 10.55 -8.14 0.95
CA SER A 56 9.97 -7.28 -0.06
C SER A 56 8.86 -8.04 -0.80
N GLY A 57 8.97 -8.31 -2.10
CA GLY A 57 7.94 -8.97 -2.90
C GLY A 57 7.22 -8.00 -3.82
N CYS A 58 7.12 -6.73 -3.41
CA CYS A 58 6.43 -5.69 -4.15
C CYS A 58 7.41 -4.90 -5.01
N ASP A 59 6.88 -3.96 -5.79
CA ASP A 59 7.63 -3.00 -6.59
C ASP A 59 7.84 -1.72 -5.77
N MET A 60 8.90 -1.64 -4.96
CA MET A 60 9.25 -0.44 -4.20
C MET A 60 9.88 0.62 -5.13
N GLU A 61 9.16 0.93 -6.22
CA GLU A 61 9.51 1.71 -7.39
C GLU A 61 10.60 1.04 -8.22
N TYR A 1 -1.22 3.54 15.51
CA TYR A 1 -1.62 4.02 14.18
C TYR A 1 -2.17 2.87 13.35
N ASN A 2 -3.05 3.12 12.37
CA ASN A 2 -3.39 2.15 11.34
C ASN A 2 -3.45 2.85 9.98
N PRO A 3 -2.91 2.25 8.90
CA PRO A 3 -2.78 2.91 7.59
C PRO A 3 -4.12 3.19 6.92
N GLU A 4 -5.12 2.36 7.23
CA GLU A 4 -6.48 2.52 6.76
C GLU A 4 -7.11 3.85 7.25
N ASP A 5 -6.49 4.52 8.23
CA ASP A 5 -6.88 5.85 8.69
C ASP A 5 -6.55 6.98 7.69
N ASP A 6 -5.72 6.73 6.67
CA ASP A 6 -5.28 7.68 5.63
C ASP A 6 -5.43 7.08 4.23
N TYR A 7 -6.26 6.03 4.11
CA TYR A 7 -6.61 5.34 2.88
C TYR A 7 -7.28 6.31 1.91
N THR A 8 -6.91 6.30 0.61
CA THR A 8 -7.43 7.24 -0.39
C THR A 8 -8.37 6.54 -1.39
N PRO A 9 -9.66 6.35 -1.08
CA PRO A 9 -10.56 5.63 -1.96
C PRO A 9 -10.83 6.35 -3.29
N LEU A 10 -10.59 7.66 -3.41
CA LEU A 10 -10.83 8.37 -4.67
C LEU A 10 -9.84 7.96 -5.76
N THR A 11 -8.68 7.45 -5.40
CA THR A 11 -7.79 6.76 -6.31
C THR A 11 -8.02 5.25 -6.22
N CYS A 12 -8.16 4.72 -4.99
CA CYS A 12 -7.76 3.35 -4.74
C CYS A 12 -8.64 2.35 -5.50
N PRO A 13 -8.11 1.57 -6.45
CA PRO A 13 -8.87 0.60 -7.22
C PRO A 13 -9.22 -0.69 -6.43
N HIS A 14 -9.09 -0.68 -5.10
CA HIS A 14 -9.34 -1.82 -4.21
C HIS A 14 -10.27 -1.35 -3.11
N THR A 15 -11.02 -2.27 -2.52
CA THR A 15 -11.85 -1.98 -1.37
C THR A 15 -10.97 -2.02 -0.11
N ILE A 16 -11.40 -1.35 0.98
CA ILE A 16 -10.64 -1.35 2.22
C ILE A 16 -10.53 -2.76 2.82
N SER A 17 -11.40 -3.69 2.39
CA SER A 17 -11.37 -5.10 2.75
C SER A 17 -10.07 -5.75 2.29
N VAL A 18 -9.53 -5.31 1.15
CA VAL A 18 -8.32 -5.84 0.54
C VAL A 18 -7.55 -4.67 -0.09
N VAL A 19 -6.98 -3.84 0.74
CA VAL A 19 -6.10 -2.78 0.27
C VAL A 19 -4.70 -2.97 0.85
N TRP A 20 -4.57 -3.38 2.12
CA TRP A 20 -3.26 -3.68 2.71
C TRP A 20 -2.61 -4.83 1.96
N TYR A 21 -3.16 -6.06 2.07
CA TYR A 21 -2.62 -7.26 1.45
C TYR A 21 -2.31 -7.03 -0.04
N GLU A 22 -3.23 -6.36 -0.73
CA GLU A 22 -3.20 -6.19 -2.17
C GLU A 22 -1.93 -5.39 -2.52
N CYS A 23 -1.53 -4.47 -1.64
CA CYS A 23 -0.50 -3.45 -1.84
C CYS A 23 0.75 -3.77 -1.02
N THR A 24 0.78 -4.88 -0.30
CA THR A 24 1.89 -5.25 0.56
C THR A 24 2.21 -6.75 0.41
N GLU A 25 1.65 -7.46 -0.57
CA GLU A 25 1.85 -8.91 -0.70
C GLU A 25 1.73 -9.37 -2.16
N ASN A 26 0.68 -8.94 -2.86
CA ASN A 26 0.41 -9.34 -4.24
C ASN A 26 1.28 -8.54 -5.21
N THR A 27 2.51 -9.00 -5.50
CA THR A 27 3.51 -8.26 -6.28
C THR A 27 3.08 -7.98 -7.73
N ALA A 28 2.04 -8.66 -8.23
CA ALA A 28 1.39 -8.33 -9.49
C ALA A 28 0.83 -6.90 -9.49
N ASN A 29 0.62 -6.28 -8.32
CA ASN A 29 0.23 -4.89 -8.22
C ASN A 29 1.07 -4.10 -7.20
N CYS A 30 1.51 -4.73 -6.11
CA CYS A 30 2.03 -3.98 -4.97
C CYS A 30 3.38 -3.33 -5.23
N GLY A 31 3.60 -2.17 -4.62
CA GLY A 31 4.81 -1.39 -4.75
C GLY A 31 4.58 0.05 -4.28
N THR A 32 5.59 0.89 -4.42
CA THR A 32 5.58 2.27 -3.96
C THR A 32 4.43 3.07 -4.60
N ALA A 33 4.23 2.93 -5.91
CA ALA A 33 3.17 3.65 -6.60
C ALA A 33 1.80 3.18 -6.10
N CYS A 34 1.63 1.86 -5.92
CA CYS A 34 0.41 1.27 -5.37
C CYS A 34 0.06 1.93 -4.05
N CYS A 35 1.06 2.00 -3.15
CA CYS A 35 0.88 2.52 -1.80
C CYS A 35 0.38 3.95 -1.88
N ASP A 36 1.03 4.81 -2.65
CA ASP A 36 0.64 6.21 -2.78
C ASP A 36 -0.78 6.38 -3.32
N SER A 37 -1.13 5.61 -4.35
CA SER A 37 -2.46 5.63 -4.95
C SER A 37 -3.55 5.04 -4.04
N CYS A 38 -3.23 4.56 -2.83
CA CYS A 38 -4.18 4.04 -1.88
C CYS A 38 -3.99 4.56 -0.45
N PHE A 39 -2.94 5.32 -0.13
CA PHE A 39 -2.61 5.77 1.21
C PHE A 39 -1.78 7.05 1.13
N GLU A 40 -1.93 7.94 2.11
CA GLU A 40 -1.19 9.18 2.26
C GLU A 40 -0.50 9.21 3.64
N LEU A 41 0.39 10.17 3.87
CA LEU A 41 0.92 10.51 5.19
C LEU A 41 1.60 9.30 5.88
N THR A 42 1.44 9.14 7.20
CA THR A 42 1.94 7.96 7.88
C THR A 42 1.30 6.67 7.32
N GLY A 43 0.11 6.71 6.71
CA GLY A 43 -0.50 5.55 6.06
C GLY A 43 0.34 5.10 4.88
N ASN A 44 0.74 6.06 4.05
CA ASN A 44 1.62 5.86 2.92
C ASN A 44 2.90 5.22 3.42
N THR A 45 3.53 5.88 4.40
CA THR A 45 4.72 5.43 5.07
C THR A 45 4.60 3.98 5.52
N MET A 46 3.55 3.60 6.25
CA MET A 46 3.37 2.25 6.75
C MET A 46 3.24 1.24 5.60
N CYS A 47 2.50 1.59 4.54
CA CYS A 47 2.36 0.74 3.36
C CYS A 47 3.74 0.48 2.76
N LEU A 48 4.52 1.55 2.51
CA LEU A 48 5.88 1.45 2.00
C LEU A 48 6.74 0.56 2.90
N LEU A 49 6.63 0.76 4.22
CA LEU A 49 7.33 -0.02 5.25
C LEU A 49 7.07 -1.52 5.15
N GLN A 50 5.89 -1.92 4.73
CA GLN A 50 5.56 -3.30 4.42
C GLN A 50 6.17 -3.64 3.05
N ALA A 51 5.70 -2.94 2.01
CA ALA A 51 5.97 -3.22 0.61
C ALA A 51 7.47 -3.40 0.37
N GLY A 52 8.28 -2.40 0.72
CA GLY A 52 9.73 -2.41 0.69
C GLY A 52 10.27 -2.66 2.10
N ALA A 53 9.92 -3.79 2.71
CA ALA A 53 10.46 -4.25 3.98
C ALA A 53 11.95 -4.64 3.81
N ALA A 54 12.29 -5.93 3.79
CA ALA A 54 13.62 -6.43 3.46
C ALA A 54 13.58 -7.89 3.00
N GLY A 55 12.52 -8.27 2.31
CA GLY A 55 12.31 -9.63 1.81
C GLY A 55 12.26 -9.71 0.28
N SER A 56 12.31 -8.56 -0.40
CA SER A 56 12.12 -8.39 -1.83
C SER A 56 10.83 -9.06 -2.32
N GLY A 57 9.76 -8.33 -2.08
CA GLY A 57 8.47 -8.53 -2.70
C GLY A 57 8.14 -7.29 -3.52
N CYS A 58 7.22 -6.47 -3.00
CA CYS A 58 6.58 -5.36 -3.71
C CYS A 58 7.58 -4.33 -4.25
N ASP A 59 7.21 -3.70 -5.36
CA ASP A 59 8.16 -3.04 -6.25
C ASP A 59 8.43 -1.59 -5.83
N MET A 60 9.63 -1.34 -5.33
CA MET A 60 10.06 -0.05 -4.82
C MET A 60 10.37 0.91 -5.97
N GLU A 61 10.36 2.22 -5.69
CA GLU A 61 10.89 3.24 -6.59
C GLU A 61 12.03 3.94 -5.89
N TYR A 1 -2.98 3.97 15.12
CA TYR A 1 -3.02 4.70 13.85
C TYR A 1 -3.90 3.91 12.88
N ASN A 2 -3.28 3.07 12.03
CA ASN A 2 -3.74 2.22 10.93
C ASN A 2 -3.57 3.01 9.64
N PRO A 3 -2.96 2.44 8.59
CA PRO A 3 -2.88 3.08 7.29
C PRO A 3 -4.27 3.31 6.69
N GLU A 4 -5.26 2.53 7.11
CA GLU A 4 -6.68 2.72 6.78
C GLU A 4 -7.18 4.13 7.15
N ASP A 5 -6.51 4.84 8.06
CA ASP A 5 -6.91 6.16 8.49
C ASP A 5 -6.57 7.23 7.45
N ASP A 6 -5.67 6.93 6.51
CA ASP A 6 -5.25 7.78 5.38
C ASP A 6 -5.43 7.00 4.08
N TYR A 7 -6.28 5.96 4.08
CA TYR A 7 -6.72 5.23 2.90
C TYR A 7 -7.44 6.21 1.97
N THR A 8 -7.19 6.15 0.67
CA THR A 8 -7.76 7.07 -0.31
C THR A 8 -8.72 6.32 -1.25
N PRO A 9 -9.97 6.01 -0.83
CA PRO A 9 -10.91 5.32 -1.71
C PRO A 9 -11.21 6.11 -2.97
N LEU A 10 -11.10 7.44 -2.92
CA LEU A 10 -11.14 8.39 -4.01
C LEU A 10 -10.29 7.92 -5.19
N THR A 11 -9.07 7.47 -4.95
CA THR A 11 -8.11 7.09 -5.97
C THR A 11 -7.89 5.58 -6.03
N CYS A 12 -8.40 4.80 -5.07
CA CYS A 12 -8.02 3.40 -4.90
C CYS A 12 -9.05 2.45 -5.54
N PRO A 13 -8.73 1.71 -6.62
CA PRO A 13 -9.57 0.62 -7.13
C PRO A 13 -9.67 -0.60 -6.20
N HIS A 14 -9.16 -0.53 -4.96
CA HIS A 14 -9.08 -1.68 -4.06
C HIS A 14 -9.71 -1.30 -2.74
N THR A 15 -10.59 -2.17 -2.27
CA THR A 15 -11.46 -1.93 -1.14
C THR A 15 -10.63 -1.93 0.14
N ILE A 16 -11.16 -1.39 1.24
CA ILE A 16 -10.42 -1.29 2.50
C ILE A 16 -9.99 -2.67 3.04
N SER A 17 -10.63 -3.75 2.57
CA SER A 17 -10.32 -5.12 2.87
C SER A 17 -9.14 -5.68 2.08
N VAL A 18 -8.91 -5.20 0.85
CA VAL A 18 -7.93 -5.73 -0.08
C VAL A 18 -7.09 -4.58 -0.61
N VAL A 19 -6.73 -3.62 0.25
CA VAL A 19 -5.81 -2.56 -0.12
C VAL A 19 -4.44 -2.88 0.46
N TRP A 20 -4.37 -3.25 1.74
CA TRP A 20 -3.13 -3.56 2.44
C TRP A 20 -2.44 -4.74 1.78
N TYR A 21 -3.09 -5.89 1.76
CA TYR A 21 -2.56 -7.11 1.16
C TYR A 21 -2.12 -6.85 -0.29
N GLU A 22 -2.93 -6.11 -1.03
CA GLU A 22 -2.80 -5.90 -2.48
C GLU A 22 -1.54 -5.08 -2.75
N CYS A 23 -1.24 -4.11 -1.88
CA CYS A 23 -0.14 -3.19 -2.04
C CYS A 23 1.05 -3.60 -1.21
N THR A 24 1.00 -4.74 -0.49
CA THR A 24 2.11 -5.15 0.33
C THR A 24 2.58 -6.59 0.10
N GLU A 25 1.77 -7.45 -0.52
CA GLU A 25 2.07 -8.87 -0.74
C GLU A 25 1.88 -9.22 -2.21
N ASN A 26 0.72 -8.84 -2.76
CA ASN A 26 0.29 -9.23 -4.09
C ASN A 26 1.23 -8.65 -5.15
N THR A 27 2.06 -9.50 -5.72
CA THR A 27 3.09 -9.17 -6.69
C THR A 27 2.54 -8.61 -8.00
N ALA A 28 1.23 -8.75 -8.26
CA ALA A 28 0.56 -8.11 -9.37
C ALA A 28 0.35 -6.60 -9.17
N ASN A 29 0.73 -6.03 -8.02
CA ASN A 29 0.47 -4.64 -7.68
C ASN A 29 1.53 -4.03 -6.77
N CYS A 30 1.98 -4.76 -5.75
CA CYS A 30 2.58 -4.13 -4.59
C CYS A 30 3.83 -3.32 -4.92
N GLY A 31 3.94 -2.14 -4.33
CA GLY A 31 5.06 -1.25 -4.50
C GLY A 31 4.72 0.20 -4.14
N THR A 32 5.68 1.10 -4.30
CA THR A 32 5.56 2.48 -3.86
C THR A 32 4.37 3.19 -4.51
N ALA A 33 4.18 3.06 -5.83
CA ALA A 33 3.06 3.69 -6.53
C ALA A 33 1.73 3.10 -6.05
N CYS A 34 1.70 1.79 -5.79
CA CYS A 34 0.54 1.11 -5.23
C CYS A 34 0.10 1.78 -3.93
N CYS A 35 1.06 1.99 -3.02
CA CYS A 35 0.82 2.69 -1.78
C CYS A 35 0.29 4.09 -2.07
N ASP A 36 0.97 4.88 -2.89
CA ASP A 36 0.66 6.32 -3.07
C ASP A 36 -0.66 6.59 -3.78
N SER A 37 -1.20 5.63 -4.53
CA SER A 37 -2.54 5.70 -5.12
C SER A 37 -3.66 5.22 -4.18
N CYS A 38 -3.32 4.76 -2.96
CA CYS A 38 -4.28 4.18 -2.04
C CYS A 38 -4.09 4.59 -0.58
N PHE A 39 -2.99 5.25 -0.23
CA PHE A 39 -2.62 5.65 1.12
C PHE A 39 -1.72 6.87 1.03
N GLU A 40 -1.92 7.82 1.94
CA GLU A 40 -1.13 9.04 2.04
C GLU A 40 -0.46 9.11 3.41
N LEU A 41 0.47 10.06 3.58
CA LEU A 41 1.03 10.46 4.87
C LEU A 41 1.59 9.25 5.66
N THR A 42 1.24 9.10 6.94
CA THR A 42 1.71 7.96 7.71
C THR A 42 1.18 6.65 7.12
N GLY A 43 0.04 6.66 6.43
CA GLY A 43 -0.53 5.47 5.81
C GLY A 43 0.35 5.02 4.67
N ASN A 44 0.80 5.98 3.86
CA ASN A 44 1.77 5.75 2.81
C ASN A 44 3.01 5.13 3.43
N THR A 45 3.56 5.80 4.45
CA THR A 45 4.74 5.36 5.17
C THR A 45 4.59 3.90 5.65
N MET A 46 3.49 3.55 6.32
CA MET A 46 3.29 2.21 6.86
C MET A 46 3.14 1.18 5.73
N CYS A 47 2.44 1.53 4.64
CA CYS A 47 2.33 0.69 3.46
C CYS A 47 3.73 0.34 2.94
N LEU A 48 4.58 1.34 2.75
CA LEU A 48 5.96 1.16 2.30
C LEU A 48 6.75 0.29 3.26
N LEU A 49 6.58 0.51 4.57
CA LEU A 49 7.19 -0.30 5.63
C LEU A 49 6.86 -1.78 5.51
N GLN A 50 5.67 -2.15 5.01
CA GLN A 50 5.31 -3.53 4.75
C GLN A 50 5.77 -3.95 3.34
N ALA A 51 5.47 -3.16 2.30
CA ALA A 51 5.73 -3.50 0.90
C ALA A 51 7.22 -3.76 0.67
N GLY A 52 8.08 -2.83 1.09
CA GLY A 52 9.52 -2.93 0.93
C GLY A 52 10.21 -3.51 2.17
N ALA A 53 9.48 -4.25 3.02
CA ALA A 53 9.83 -4.55 4.40
C ALA A 53 11.31 -4.87 4.61
N ALA A 54 11.79 -5.97 4.02
CA ALA A 54 13.19 -6.34 4.03
C ALA A 54 13.54 -7.17 2.79
N GLY A 55 12.90 -6.85 1.67
CA GLY A 55 12.96 -7.57 0.43
C GLY A 55 11.60 -7.53 -0.25
N SER A 56 10.74 -8.50 0.08
CA SER A 56 9.53 -8.83 -0.68
C SER A 56 9.87 -8.94 -2.19
N GLY A 57 8.87 -8.86 -3.07
CA GLY A 57 9.02 -8.79 -4.53
C GLY A 57 8.21 -7.64 -5.10
N CYS A 58 7.81 -6.71 -4.23
CA CYS A 58 7.17 -5.47 -4.58
C CYS A 58 8.17 -4.55 -5.28
N ASP A 59 7.67 -3.46 -5.87
CA ASP A 59 8.53 -2.51 -6.58
C ASP A 59 8.82 -1.31 -5.70
N MET A 60 9.99 -0.70 -5.82
CA MET A 60 10.47 0.37 -4.97
C MET A 60 11.11 1.43 -5.87
N GLU A 61 10.45 2.57 -6.02
CA GLU A 61 11.09 3.74 -6.62
C GLU A 61 12.09 4.35 -5.66
N TYR A 1 -2.35 3.72 15.16
CA TYR A 1 -2.49 4.45 13.90
C TYR A 1 -3.49 3.70 13.01
N ASN A 2 -3.01 2.83 12.11
CA ASN A 2 -3.63 2.05 11.04
C ASN A 2 -3.52 2.82 9.72
N PRO A 3 -2.93 2.26 8.67
CA PRO A 3 -2.85 2.92 7.37
C PRO A 3 -4.23 3.15 6.78
N GLU A 4 -5.26 2.36 7.15
CA GLU A 4 -6.62 2.63 6.71
C GLU A 4 -7.18 3.94 7.31
N ASP A 5 -6.49 4.61 8.25
CA ASP A 5 -6.85 5.99 8.60
C ASP A 5 -6.48 7.02 7.49
N ASP A 6 -5.50 6.72 6.63
CA ASP A 6 -5.12 7.52 5.45
C ASP A 6 -5.38 6.73 4.16
N TYR A 7 -6.29 5.76 4.21
CA TYR A 7 -6.82 5.13 3.01
C TYR A 7 -7.60 6.17 2.20
N THR A 8 -7.45 6.10 0.88
CA THR A 8 -8.06 7.03 -0.04
C THR A 8 -8.89 6.27 -1.07
N PRO A 9 -10.18 6.02 -0.83
CA PRO A 9 -10.98 5.24 -1.77
C PRO A 9 -11.16 5.97 -3.10
N LEU A 10 -11.12 7.31 -3.11
CA LEU A 10 -11.53 8.10 -4.27
C LEU A 10 -10.65 7.85 -5.49
N THR A 11 -9.38 7.45 -5.32
CA THR A 11 -8.54 7.04 -6.44
C THR A 11 -7.90 5.66 -6.22
N CYS A 12 -8.28 4.92 -5.18
CA CYS A 12 -7.88 3.54 -4.98
C CYS A 12 -8.95 2.60 -5.58
N PRO A 13 -8.64 1.81 -6.62
CA PRO A 13 -9.56 0.80 -7.12
C PRO A 13 -9.80 -0.37 -6.14
N HIS A 14 -9.09 -0.42 -5.01
CA HIS A 14 -9.06 -1.58 -4.12
C HIS A 14 -9.74 -1.23 -2.83
N THR A 15 -10.51 -2.17 -2.33
CA THR A 15 -11.42 -1.97 -1.23
C THR A 15 -10.64 -2.05 0.07
N ILE A 16 -11.20 -1.48 1.13
CA ILE A 16 -10.62 -1.44 2.47
C ILE A 16 -10.47 -2.84 3.09
N SER A 17 -10.94 -3.88 2.41
CA SER A 17 -10.71 -5.27 2.73
C SER A 17 -9.44 -5.84 2.10
N VAL A 18 -8.96 -5.29 0.98
CA VAL A 18 -7.85 -5.80 0.19
C VAL A 18 -7.10 -4.60 -0.40
N VAL A 19 -6.72 -3.68 0.45
CA VAL A 19 -5.90 -2.55 0.06
C VAL A 19 -4.50 -2.74 0.65
N TRP A 20 -4.42 -2.98 1.96
CA TRP A 20 -3.20 -3.31 2.67
C TRP A 20 -2.59 -4.53 2.00
N TYR A 21 -3.29 -5.67 2.03
CA TYR A 21 -2.86 -6.90 1.40
C TYR A 21 -2.43 -6.68 -0.05
N GLU A 22 -3.14 -5.85 -0.81
CA GLU A 22 -2.91 -5.74 -2.24
C GLU A 22 -1.54 -5.07 -2.40
N CYS A 23 -1.36 -3.86 -1.84
CA CYS A 23 -0.19 -3.04 -2.08
C CYS A 23 0.98 -3.52 -1.24
N THR A 24 0.84 -4.59 -0.46
CA THR A 24 1.91 -5.08 0.39
C THR A 24 2.25 -6.56 0.21
N GLU A 25 1.45 -7.33 -0.55
CA GLU A 25 1.67 -8.77 -0.75
C GLU A 25 1.52 -9.13 -2.22
N ASN A 26 0.41 -8.73 -2.82
CA ASN A 26 0.08 -9.06 -4.19
C ASN A 26 1.09 -8.42 -5.15
N THR A 27 2.03 -9.19 -5.64
CA THR A 27 3.12 -8.71 -6.49
C THR A 27 2.63 -8.20 -7.86
N ALA A 28 1.34 -8.36 -8.18
CA ALA A 28 0.69 -7.66 -9.28
C ALA A 28 0.80 -6.14 -9.14
N ASN A 29 0.98 -5.63 -7.93
CA ASN A 29 0.85 -4.21 -7.68
C ASN A 29 1.67 -3.71 -6.50
N CYS A 30 2.08 -4.55 -5.54
CA CYS A 30 2.74 -4.04 -4.35
C CYS A 30 4.01 -3.25 -4.73
N GLY A 31 4.29 -2.16 -4.02
CA GLY A 31 5.35 -1.22 -4.37
C GLY A 31 4.91 0.23 -4.17
N THR A 32 5.86 1.16 -4.34
CA THR A 32 5.73 2.56 -3.99
C THR A 32 4.46 3.16 -4.62
N ALA A 33 4.27 2.97 -5.93
CA ALA A 33 3.17 3.59 -6.64
C ALA A 33 1.81 3.04 -6.22
N CYS A 34 1.69 1.79 -5.75
CA CYS A 34 0.40 1.27 -5.28
C CYS A 34 0.06 1.94 -3.96
N CYS A 35 1.03 1.99 -3.04
CA CYS A 35 0.89 2.72 -1.79
C CYS A 35 0.40 4.13 -2.12
N ASP A 36 1.10 4.84 -3.01
CA ASP A 36 0.83 6.24 -3.36
C ASP A 36 -0.37 6.44 -4.30
N SER A 37 -1.16 5.39 -4.50
CA SER A 37 -2.49 5.43 -5.11
C SER A 37 -3.61 5.06 -4.14
N CYS A 38 -3.32 4.64 -2.91
CA CYS A 38 -4.30 4.12 -1.99
C CYS A 38 -4.09 4.54 -0.54
N PHE A 39 -2.93 5.10 -0.22
CA PHE A 39 -2.50 5.46 1.10
C PHE A 39 -1.64 6.70 0.99
N GLU A 40 -1.84 7.63 1.91
CA GLU A 40 -1.12 8.90 1.92
C GLU A 40 -0.41 9.07 3.25
N LEU A 41 0.50 10.04 3.34
CA LEU A 41 1.08 10.53 4.59
C LEU A 41 1.66 9.38 5.45
N THR A 42 1.18 9.21 6.69
CA THR A 42 1.61 8.13 7.58
C THR A 42 1.23 6.76 6.98
N GLY A 43 0.07 6.66 6.34
CA GLY A 43 -0.44 5.43 5.77
C GLY A 43 0.45 4.95 4.65
N ASN A 44 0.86 5.90 3.81
CA ASN A 44 1.80 5.67 2.73
C ASN A 44 3.07 5.07 3.33
N THR A 45 3.60 5.74 4.35
CA THR A 45 4.80 5.33 5.05
C THR A 45 4.70 3.88 5.57
N MET A 46 3.58 3.50 6.19
CA MET A 46 3.39 2.15 6.70
C MET A 46 3.28 1.15 5.55
N CYS A 47 2.57 1.49 4.47
CA CYS A 47 2.46 0.63 3.29
C CYS A 47 3.84 0.32 2.74
N LEU A 48 4.67 1.35 2.53
CA LEU A 48 6.06 1.21 2.12
C LEU A 48 6.81 0.29 3.09
N LEU A 49 6.61 0.50 4.40
CA LEU A 49 7.23 -0.27 5.48
C LEU A 49 6.95 -1.78 5.37
N GLN A 50 5.74 -2.20 4.98
CA GLN A 50 5.43 -3.61 4.78
C GLN A 50 5.89 -4.08 3.39
N ALA A 51 5.54 -3.35 2.32
CA ALA A 51 5.83 -3.75 0.94
C ALA A 51 7.34 -3.95 0.70
N GLY A 52 8.16 -3.12 1.36
CA GLY A 52 9.60 -3.18 1.28
C GLY A 52 10.23 -3.63 2.60
N ALA A 53 9.59 -4.56 3.32
CA ALA A 53 9.96 -4.96 4.68
C ALA A 53 11.44 -5.30 4.80
N ALA A 54 11.91 -6.34 4.10
CA ALA A 54 13.32 -6.66 3.92
C ALA A 54 13.50 -7.71 2.82
N GLY A 55 13.35 -7.31 1.56
CA GLY A 55 13.62 -8.16 0.38
C GLY A 55 12.36 -8.59 -0.38
N SER A 56 11.20 -8.46 0.26
CA SER A 56 9.90 -9.06 -0.02
C SER A 56 9.66 -9.40 -1.51
N GLY A 57 9.10 -8.50 -2.32
CA GLY A 57 8.78 -8.81 -3.70
C GLY A 57 7.92 -7.74 -4.38
N CYS A 58 8.25 -6.47 -4.16
CA CYS A 58 7.42 -5.35 -4.56
C CYS A 58 8.25 -4.34 -5.35
N ASP A 59 7.58 -3.56 -6.20
CA ASP A 59 8.19 -2.60 -7.12
C ASP A 59 8.42 -1.28 -6.39
N MET A 60 9.54 -1.23 -5.66
CA MET A 60 9.86 -0.14 -4.76
C MET A 60 10.70 0.88 -5.52
N GLU A 61 10.10 1.98 -5.97
CA GLU A 61 10.82 3.19 -6.34
C GLU A 61 11.48 3.75 -5.09
N TYR A 1 -1.72 2.04 14.90
CA TYR A 1 -2.07 3.20 14.09
C TYR A 1 -3.21 2.83 13.15
N ASN A 2 -2.89 2.07 12.09
CA ASN A 2 -3.67 1.53 10.98
C ASN A 2 -3.55 2.44 9.77
N PRO A 3 -2.88 2.00 8.69
CA PRO A 3 -2.84 2.71 7.42
C PRO A 3 -4.20 3.08 6.88
N GLU A 4 -5.22 2.28 7.19
CA GLU A 4 -6.58 2.56 6.75
C GLU A 4 -7.09 3.90 7.31
N ASP A 5 -6.44 4.51 8.32
CA ASP A 5 -6.76 5.87 8.73
C ASP A 5 -6.55 6.94 7.63
N ASP A 6 -5.62 6.68 6.70
CA ASP A 6 -5.18 7.57 5.60
C ASP A 6 -5.62 6.99 4.25
N TYR A 7 -6.58 6.07 4.25
CA TYR A 7 -7.13 5.39 3.09
C TYR A 7 -7.82 6.41 2.19
N THR A 8 -7.40 6.52 0.93
CA THR A 8 -7.92 7.43 -0.07
C THR A 8 -8.78 6.69 -1.14
N PRO A 9 -10.06 6.36 -0.87
CA PRO A 9 -10.81 5.43 -1.73
C PRO A 9 -11.04 5.94 -3.15
N LEU A 10 -11.09 7.25 -3.35
CA LEU A 10 -11.34 7.89 -4.63
C LEU A 10 -10.26 7.47 -5.62
N THR A 11 -8.99 7.56 -5.20
CA THR A 11 -7.81 7.25 -5.99
C THR A 11 -7.50 5.75 -5.98
N CYS A 12 -8.07 4.98 -5.05
CA CYS A 12 -7.71 3.59 -4.87
C CYS A 12 -8.67 2.67 -5.61
N PRO A 13 -8.19 1.85 -6.56
CA PRO A 13 -9.01 0.85 -7.24
C PRO A 13 -9.38 -0.35 -6.36
N HIS A 14 -8.93 -0.41 -5.10
CA HIS A 14 -9.07 -1.54 -4.19
C HIS A 14 -9.88 -1.10 -2.99
N THR A 15 -10.66 -1.99 -2.39
CA THR A 15 -11.55 -1.62 -1.30
C THR A 15 -10.82 -1.75 0.03
N ILE A 16 -11.38 -1.18 1.10
CA ILE A 16 -10.79 -1.25 2.44
C ILE A 16 -10.72 -2.70 2.96
N SER A 17 -11.40 -3.64 2.31
CA SER A 17 -11.28 -5.07 2.53
C SER A 17 -9.86 -5.55 2.20
N VAL A 18 -9.31 -5.09 1.07
CA VAL A 18 -8.09 -5.60 0.45
C VAL A 18 -7.34 -4.43 -0.18
N VAL A 19 -6.75 -3.60 0.63
CA VAL A 19 -5.98 -2.46 0.15
C VAL A 19 -4.56 -2.53 0.65
N TRP A 20 -4.39 -2.80 1.95
CA TRP A 20 -3.11 -3.03 2.57
C TRP A 20 -2.43 -4.18 1.85
N TYR A 21 -2.91 -5.40 2.10
CA TYR A 21 -2.41 -6.64 1.54
C TYR A 21 -2.18 -6.51 0.03
N GLU A 22 -3.10 -5.88 -0.69
CA GLU A 22 -3.11 -5.90 -2.14
C GLU A 22 -1.89 -5.09 -2.63
N CYS A 23 -1.50 -4.04 -1.90
CA CYS A 23 -0.40 -3.14 -2.22
C CYS A 23 0.84 -3.40 -1.36
N THR A 24 0.83 -4.42 -0.49
CA THR A 24 1.97 -4.75 0.36
C THR A 24 2.42 -6.21 0.23
N GLU A 25 1.67 -7.07 -0.47
CA GLU A 25 1.97 -8.50 -0.54
C GLU A 25 1.95 -9.00 -1.96
N ASN A 26 0.81 -8.80 -2.64
CA ASN A 26 0.54 -9.38 -3.96
C ASN A 26 1.55 -8.83 -4.96
N THR A 27 2.59 -9.61 -5.24
CA THR A 27 3.76 -9.18 -6.00
C THR A 27 3.43 -8.60 -7.40
N ALA A 28 2.31 -9.01 -8.00
CA ALA A 28 1.83 -8.51 -9.28
C ALA A 28 1.46 -7.03 -9.22
N ASN A 29 1.16 -6.49 -8.04
CA ASN A 29 0.47 -5.23 -7.85
C ASN A 29 1.27 -4.25 -7.00
N CYS A 30 1.76 -4.74 -5.85
CA CYS A 30 2.33 -3.94 -4.78
C CYS A 30 3.52 -3.07 -5.21
N GLY A 31 4.00 -2.23 -4.28
CA GLY A 31 5.12 -1.32 -4.45
C GLY A 31 4.69 0.12 -4.21
N THR A 32 5.64 1.06 -4.26
CA THR A 32 5.43 2.46 -3.88
C THR A 32 4.26 3.06 -4.66
N ALA A 33 4.24 2.86 -5.98
CA ALA A 33 3.18 3.35 -6.85
C ALA A 33 1.78 2.82 -6.50
N CYS A 34 1.68 1.59 -5.96
CA CYS A 34 0.42 1.01 -5.52
C CYS A 34 -0.02 1.73 -4.25
N CYS A 35 0.87 1.81 -3.27
CA CYS A 35 0.63 2.44 -1.97
C CYS A 35 0.09 3.86 -2.15
N ASP A 36 0.76 4.67 -2.97
CA ASP A 36 0.50 6.11 -3.07
C ASP A 36 -0.86 6.45 -3.69
N SER A 37 -1.48 5.52 -4.42
CA SER A 37 -2.86 5.66 -4.87
C SER A 37 -3.90 5.45 -3.76
N CYS A 38 -3.53 4.79 -2.67
CA CYS A 38 -4.47 4.26 -1.69
C CYS A 38 -4.21 4.74 -0.28
N PHE A 39 -3.03 5.31 0.00
CA PHE A 39 -2.60 5.68 1.32
C PHE A 39 -1.72 6.92 1.22
N GLU A 40 -1.94 7.83 2.15
CA GLU A 40 -1.18 9.08 2.27
C GLU A 40 -0.42 9.09 3.58
N LEU A 41 0.50 10.05 3.69
CA LEU A 41 1.15 10.44 4.93
C LEU A 41 1.61 9.21 5.74
N THR A 42 1.14 9.00 6.97
CA THR A 42 1.54 7.85 7.77
C THR A 42 1.08 6.54 7.12
N GLY A 43 -0.15 6.51 6.58
CA GLY A 43 -0.69 5.46 5.74
C GLY A 43 0.35 5.00 4.75
N ASN A 44 0.81 5.97 3.96
CA ASN A 44 1.72 5.79 2.86
C ASN A 44 2.96 5.10 3.39
N THR A 45 3.61 5.71 4.38
CA THR A 45 4.87 5.22 4.91
C THR A 45 4.74 3.80 5.48
N MET A 46 3.65 3.46 6.18
CA MET A 46 3.47 2.09 6.66
C MET A 46 3.34 1.14 5.46
N CYS A 47 2.61 1.51 4.41
CA CYS A 47 2.46 0.70 3.21
C CYS A 47 3.83 0.45 2.57
N LEU A 48 4.62 1.51 2.37
CA LEU A 48 5.97 1.43 1.86
C LEU A 48 6.80 0.46 2.68
N LEU A 49 6.78 0.61 4.01
CA LEU A 49 7.51 -0.28 4.92
C LEU A 49 7.10 -1.74 4.77
N GLN A 50 5.80 -2.07 4.73
CA GLN A 50 5.38 -3.46 4.67
C GLN A 50 5.62 -4.08 3.31
N ALA A 51 5.41 -3.32 2.23
CA ALA A 51 5.73 -3.74 0.88
C ALA A 51 7.24 -3.95 0.77
N GLY A 52 7.99 -2.87 0.94
CA GLY A 52 9.40 -2.73 0.59
C GLY A 52 10.36 -3.19 1.66
N ALA A 53 9.85 -3.66 2.81
CA ALA A 53 10.35 -4.76 3.61
C ALA A 53 11.84 -5.04 3.44
N ALA A 54 12.18 -5.69 2.32
CA ALA A 54 13.47 -5.78 1.69
C ALA A 54 13.19 -5.59 0.20
N GLY A 55 14.25 -5.34 -0.58
CA GLY A 55 14.17 -5.28 -2.04
C GLY A 55 14.00 -6.66 -2.67
N SER A 56 13.03 -7.43 -2.19
CA SER A 56 12.47 -8.63 -2.78
C SER A 56 11.04 -8.68 -2.27
N GLY A 57 10.10 -8.27 -3.12
CA GLY A 57 8.68 -8.12 -2.82
C GLY A 57 8.27 -6.72 -3.23
N CYS A 58 7.98 -6.54 -4.53
CA CYS A 58 7.59 -5.30 -5.19
C CYS A 58 8.61 -4.16 -5.05
N ASP A 59 8.36 -3.06 -5.77
CA ASP A 59 9.37 -2.00 -5.89
C ASP A 59 9.25 -1.01 -4.73
N MET A 60 10.37 -0.50 -4.24
CA MET A 60 10.44 0.47 -3.17
C MET A 60 11.52 1.49 -3.50
N GLU A 61 11.15 2.77 -3.59
CA GLU A 61 12.09 3.87 -3.74
C GLU A 61 12.69 4.19 -2.37
N TYR A 1 -0.94 2.56 14.82
CA TYR A 1 -1.40 3.39 13.70
C TYR A 1 -1.81 2.48 12.56
N ASN A 2 -3.11 2.27 12.31
CA ASN A 2 -3.52 1.54 11.11
C ASN A 2 -3.53 2.51 9.94
N PRO A 3 -2.91 2.16 8.81
CA PRO A 3 -2.83 3.03 7.64
C PRO A 3 -4.20 3.26 6.99
N GLU A 4 -5.20 2.42 7.29
CA GLU A 4 -6.58 2.61 6.89
C GLU A 4 -7.18 3.92 7.43
N ASP A 5 -6.51 4.56 8.39
CA ASP A 5 -6.70 5.97 8.76
C ASP A 5 -6.66 6.92 7.54
N ASP A 6 -5.70 6.73 6.63
CA ASP A 6 -5.44 7.55 5.44
C ASP A 6 -5.55 6.70 4.18
N TYR A 7 -6.41 5.67 4.20
CA TYR A 7 -6.90 5.02 2.99
C TYR A 7 -7.73 6.03 2.19
N THR A 8 -7.45 6.19 0.90
CA THR A 8 -8.17 7.13 0.05
C THR A 8 -8.83 6.37 -1.14
N PRO A 9 -10.15 6.09 -1.09
CA PRO A 9 -10.82 5.22 -2.08
C PRO A 9 -10.96 5.84 -3.46
N LEU A 10 -10.71 7.14 -3.59
CA LEU A 10 -10.85 7.96 -4.78
C LEU A 10 -10.05 7.35 -5.91
N THR A 11 -8.74 7.26 -5.71
CA THR A 11 -7.80 6.76 -6.69
C THR A 11 -7.30 5.36 -6.31
N CYS A 12 -7.79 4.76 -5.22
CA CYS A 12 -7.48 3.38 -4.87
C CYS A 12 -8.50 2.42 -5.51
N PRO A 13 -8.14 1.63 -6.53
CA PRO A 13 -9.06 0.68 -7.15
C PRO A 13 -9.45 -0.50 -6.25
N HIS A 14 -9.02 -0.53 -4.99
CA HIS A 14 -9.15 -1.68 -4.10
C HIS A 14 -9.93 -1.23 -2.88
N THR A 15 -10.80 -2.09 -2.41
CA THR A 15 -11.71 -1.78 -1.33
C THR A 15 -10.96 -1.82 -0.01
N ILE A 16 -11.46 -1.13 1.02
CA ILE A 16 -10.87 -1.16 2.35
C ILE A 16 -10.88 -2.58 2.96
N SER A 17 -11.66 -3.50 2.36
CA SER A 17 -11.63 -4.91 2.68
C SER A 17 -10.20 -5.46 2.54
N VAL A 18 -9.58 -5.18 1.38
CA VAL A 18 -8.31 -5.76 0.96
C VAL A 18 -7.58 -4.70 0.14
N VAL A 19 -7.09 -3.71 0.86
CA VAL A 19 -6.21 -2.72 0.26
C VAL A 19 -4.81 -2.96 0.77
N TRP A 20 -4.62 -3.12 2.09
CA TRP A 20 -3.30 -3.35 2.67
C TRP A 20 -2.62 -4.54 2.01
N TYR A 21 -3.16 -5.75 2.15
CA TYR A 21 -2.62 -6.97 1.53
C TYR A 21 -2.28 -6.75 0.05
N GLU A 22 -3.23 -6.17 -0.68
CA GLU A 22 -3.22 -6.08 -2.12
C GLU A 22 -1.99 -5.23 -2.53
N CYS A 23 -1.61 -4.27 -1.68
CA CYS A 23 -0.61 -3.26 -1.95
C CYS A 23 0.69 -3.57 -1.22
N THR A 24 0.74 -4.66 -0.43
CA THR A 24 1.90 -4.97 0.40
C THR A 24 2.39 -6.42 0.27
N GLU A 25 1.65 -7.29 -0.42
CA GLU A 25 1.95 -8.70 -0.58
C GLU A 25 1.91 -9.04 -2.07
N ASN A 26 0.77 -8.73 -2.70
CA ASN A 26 0.45 -9.12 -4.06
C ASN A 26 1.34 -8.36 -5.03
N THR A 27 2.48 -8.93 -5.39
CA THR A 27 3.55 -8.28 -6.16
C THR A 27 3.07 -7.75 -7.53
N ALA A 28 1.95 -8.26 -8.06
CA ALA A 28 1.31 -7.75 -9.27
C ALA A 28 0.94 -6.27 -9.17
N ASN A 29 0.77 -5.75 -7.95
CA ASN A 29 0.37 -4.37 -7.68
C ASN A 29 1.33 -3.74 -6.68
N CYS A 30 1.61 -4.46 -5.58
CA CYS A 30 2.43 -4.00 -4.47
C CYS A 30 3.71 -3.36 -4.96
N GLY A 31 4.03 -2.19 -4.38
CA GLY A 31 5.09 -1.30 -4.82
C GLY A 31 4.75 0.12 -4.35
N THR A 32 5.68 1.03 -4.53
CA THR A 32 5.61 2.38 -3.99
C THR A 32 4.41 3.13 -4.60
N ALA A 33 4.24 3.10 -5.93
CA ALA A 33 3.13 3.78 -6.60
C ALA A 33 1.77 3.25 -6.13
N CYS A 34 1.64 1.93 -5.95
CA CYS A 34 0.40 1.35 -5.42
C CYS A 34 0.07 2.01 -4.09
N CYS A 35 1.05 2.03 -3.18
CA CYS A 35 0.89 2.58 -1.86
C CYS A 35 0.46 4.04 -1.97
N ASP A 36 1.17 4.86 -2.77
CA ASP A 36 0.90 6.29 -2.90
C ASP A 36 -0.47 6.58 -3.51
N SER A 37 -0.98 5.66 -4.33
CA SER A 37 -2.31 5.71 -4.93
C SER A 37 -3.41 5.11 -4.03
N CYS A 38 -3.11 4.63 -2.82
CA CYS A 38 -4.11 4.03 -1.94
C CYS A 38 -4.03 4.49 -0.49
N PHE A 39 -2.89 5.00 -0.05
CA PHE A 39 -2.64 5.45 1.30
C PHE A 39 -1.77 6.68 1.23
N GLU A 40 -2.01 7.61 2.14
CA GLU A 40 -1.35 8.89 2.14
C GLU A 40 -0.67 9.11 3.47
N LEU A 41 0.23 10.09 3.52
CA LEU A 41 0.90 10.56 4.73
C LEU A 41 1.49 9.37 5.50
N THR A 42 1.28 9.26 6.81
CA THR A 42 1.82 8.15 7.60
C THR A 42 1.22 6.80 7.18
N GLY A 43 0.01 6.80 6.60
CA GLY A 43 -0.60 5.64 5.98
C GLY A 43 0.30 5.11 4.87
N ASN A 44 0.75 6.02 4.02
CA ASN A 44 1.64 5.72 2.92
C ASN A 44 2.92 5.09 3.45
N THR A 45 3.57 5.76 4.41
CA THR A 45 4.83 5.33 4.98
C THR A 45 4.78 3.89 5.47
N MET A 46 3.68 3.51 6.13
CA MET A 46 3.49 2.16 6.64
C MET A 46 3.43 1.18 5.47
N CYS A 47 2.64 1.50 4.43
CA CYS A 47 2.49 0.66 3.24
C CYS A 47 3.85 0.41 2.59
N LEU A 48 4.63 1.47 2.35
CA LEU A 48 5.97 1.38 1.81
C LEU A 48 6.84 0.44 2.63
N LEU A 49 6.84 0.61 3.95
CA LEU A 49 7.60 -0.24 4.87
C LEU A 49 7.26 -1.71 4.69
N GLN A 50 5.98 -2.05 4.50
CA GLN A 50 5.56 -3.42 4.33
C GLN A 50 5.93 -3.96 2.95
N ALA A 51 5.61 -3.23 1.87
CA ALA A 51 5.94 -3.62 0.49
C ALA A 51 7.46 -3.82 0.34
N GLY A 52 8.25 -2.96 0.98
CA GLY A 52 9.71 -3.04 1.02
C GLY A 52 10.26 -4.19 1.86
N ALA A 53 9.44 -5.13 2.36
CA ALA A 53 9.87 -6.16 3.29
C ALA A 53 9.14 -7.50 3.15
N ALA A 54 7.82 -7.51 2.95
CA ALA A 54 6.96 -8.67 3.08
C ALA A 54 7.03 -9.54 1.83
N GLY A 55 8.23 -10.06 1.56
CA GLY A 55 8.59 -10.69 0.31
C GLY A 55 9.62 -9.85 -0.45
N SER A 56 9.61 -8.51 -0.29
CA SER A 56 10.55 -7.65 -1.01
C SER A 56 10.60 -7.81 -2.55
N GLY A 57 9.66 -8.53 -3.16
CA GLY A 57 9.55 -8.75 -4.60
C GLY A 57 8.61 -7.76 -5.28
N CYS A 58 8.19 -6.72 -4.56
CA CYS A 58 7.31 -5.68 -5.07
C CYS A 58 8.09 -4.67 -5.92
N ASP A 59 7.39 -3.67 -6.46
CA ASP A 59 7.96 -2.66 -7.36
C ASP A 59 8.24 -1.37 -6.56
N MET A 60 9.27 -1.39 -5.72
CA MET A 60 9.60 -0.28 -4.83
C MET A 60 10.37 0.80 -5.60
N GLU A 61 9.74 1.92 -5.99
CA GLU A 61 10.51 3.16 -6.17
C GLU A 61 10.78 3.79 -4.81
N TYR A 1 -0.41 2.21 14.58
CA TYR A 1 -1.12 3.19 13.76
C TYR A 1 -1.66 2.44 12.55
N ASN A 2 -2.97 2.47 12.35
CA ASN A 2 -3.64 1.86 11.21
C ASN A 2 -3.49 2.78 10.01
N PRO A 3 -2.81 2.37 8.92
CA PRO A 3 -2.68 3.17 7.71
C PRO A 3 -4.02 3.40 7.02
N GLU A 4 -5.02 2.56 7.31
CA GLU A 4 -6.42 2.72 6.95
C GLU A 4 -7.02 4.06 7.41
N ASP A 5 -6.39 4.81 8.33
CA ASP A 5 -6.77 6.20 8.65
C ASP A 5 -6.59 7.11 7.43
N ASP A 6 -5.57 6.87 6.63
CA ASP A 6 -5.16 7.63 5.45
C ASP A 6 -5.39 6.79 4.19
N TYR A 7 -6.24 5.75 4.27
CA TYR A 7 -6.77 5.07 3.09
C TYR A 7 -7.75 6.02 2.40
N THR A 8 -7.62 6.17 1.08
CA THR A 8 -8.41 7.11 0.30
C THR A 8 -9.06 6.34 -0.86
N PRO A 9 -10.35 5.97 -0.78
CA PRO A 9 -10.95 5.04 -1.73
C PRO A 9 -11.07 5.59 -3.15
N LEU A 10 -11.30 6.91 -3.32
CA LEU A 10 -11.76 7.47 -4.59
C LEU A 10 -10.70 7.33 -5.70
N THR A 11 -9.43 7.41 -5.31
CA THR A 11 -8.30 7.26 -6.22
C THR A 11 -7.65 5.87 -6.10
N CYS A 12 -8.12 5.04 -5.15
CA CYS A 12 -7.60 3.69 -4.94
C CYS A 12 -8.43 2.71 -5.78
N PRO A 13 -7.84 1.96 -6.73
CA PRO A 13 -8.51 0.85 -7.42
C PRO A 13 -8.88 -0.33 -6.51
N HIS A 14 -8.83 -0.18 -5.18
CA HIS A 14 -9.07 -1.28 -4.24
C HIS A 14 -9.95 -0.85 -3.10
N THR A 15 -10.47 -1.84 -2.39
CA THR A 15 -11.36 -1.65 -1.27
C THR A 15 -10.54 -1.85 0.00
N ILE A 16 -11.03 -1.34 1.12
CA ILE A 16 -10.32 -1.48 2.40
C ILE A 16 -10.10 -2.95 2.80
N SER A 17 -10.90 -3.85 2.22
CA SER A 17 -10.81 -5.28 2.38
C SER A 17 -9.48 -5.81 1.86
N VAL A 18 -9.05 -5.36 0.69
CA VAL A 18 -7.86 -5.80 0.02
C VAL A 18 -7.23 -4.52 -0.49
N VAL A 19 -6.46 -3.87 0.35
CA VAL A 19 -5.63 -2.74 0.00
C VAL A 19 -4.32 -2.97 0.73
N TRP A 20 -4.34 -3.19 2.04
CA TRP A 20 -3.16 -3.53 2.81
C TRP A 20 -2.59 -4.84 2.27
N TYR A 21 -3.42 -5.88 2.21
CA TYR A 21 -3.08 -7.14 1.54
C TYR A 21 -2.56 -6.85 0.12
N GLU A 22 -3.33 -6.13 -0.71
CA GLU A 22 -3.08 -6.10 -2.14
C GLU A 22 -1.75 -5.34 -2.38
N CYS A 23 -1.36 -4.42 -1.50
CA CYS A 23 -0.24 -3.53 -1.70
C CYS A 23 0.97 -4.01 -0.94
N THR A 24 0.90 -5.17 -0.30
CA THR A 24 2.02 -5.71 0.44
C THR A 24 2.26 -7.20 0.12
N GLU A 25 1.36 -7.84 -0.64
CA GLU A 25 1.32 -9.29 -0.88
C GLU A 25 1.08 -9.60 -2.35
N ASN A 26 0.09 -8.93 -2.95
CA ASN A 26 -0.31 -9.16 -4.34
C ASN A 26 0.74 -8.56 -5.29
N THR A 27 1.83 -9.29 -5.52
CA THR A 27 3.01 -8.84 -6.26
C THR A 27 2.73 -8.44 -7.71
N ALA A 28 1.55 -8.75 -8.25
CA ALA A 28 1.10 -8.18 -9.50
C ALA A 28 1.16 -6.64 -9.49
N ASN A 29 0.96 -6.00 -8.33
CA ASN A 29 0.77 -4.55 -8.23
C ASN A 29 1.51 -3.91 -7.06
N CYS A 30 1.76 -4.64 -5.97
CA CYS A 30 2.26 -4.00 -4.75
C CYS A 30 3.57 -3.25 -4.97
N GLY A 31 3.80 -2.17 -4.22
CA GLY A 31 4.95 -1.29 -4.44
C GLY A 31 4.67 0.16 -4.06
N THR A 32 5.65 1.05 -4.23
CA THR A 32 5.55 2.44 -3.84
C THR A 32 4.37 3.14 -4.53
N ALA A 33 4.21 2.99 -5.85
CA ALA A 33 3.12 3.63 -6.59
C ALA A 33 1.76 3.10 -6.11
N CYS A 34 1.66 1.79 -5.85
CA CYS A 34 0.46 1.16 -5.32
C CYS A 34 0.05 1.81 -4.01
N CYS A 35 1.03 2.03 -3.14
CA CYS A 35 0.83 2.69 -1.86
C CYS A 35 0.32 4.10 -2.10
N ASP A 36 1.06 4.89 -2.87
CA ASP A 36 0.93 6.34 -3.05
C ASP A 36 -0.44 6.80 -3.57
N SER A 37 -1.13 5.93 -4.29
CA SER A 37 -2.46 6.20 -4.83
C SER A 37 -3.56 5.39 -4.15
N CYS A 38 -3.31 4.96 -2.91
CA CYS A 38 -4.30 4.36 -2.02
C CYS A 38 -4.16 4.81 -0.57
N PHE A 39 -2.96 5.19 -0.14
CA PHE A 39 -2.57 5.54 1.21
C PHE A 39 -1.69 6.78 1.12
N GLU A 40 -1.92 7.73 2.01
CA GLU A 40 -1.26 9.04 2.02
C GLU A 40 -0.55 9.26 3.35
N LEU A 41 0.26 10.31 3.42
CA LEU A 41 0.88 10.82 4.64
C LEU A 41 1.58 9.70 5.43
N THR A 42 1.21 9.47 6.69
CA THR A 42 1.82 8.38 7.46
C THR A 42 1.27 7.02 7.04
N GLY A 43 0.05 6.93 6.50
CA GLY A 43 -0.50 5.68 5.99
C GLY A 43 0.34 5.17 4.83
N ASN A 44 0.76 6.10 3.97
CA ASN A 44 1.66 5.84 2.86
C ASN A 44 2.92 5.19 3.40
N THR A 45 3.58 5.87 4.35
CA THR A 45 4.84 5.39 4.92
C THR A 45 4.71 3.95 5.44
N MET A 46 3.65 3.62 6.18
CA MET A 46 3.51 2.26 6.72
C MET A 46 3.32 1.23 5.60
N CYS A 47 2.55 1.58 4.56
CA CYS A 47 2.37 0.75 3.37
C CYS A 47 3.72 0.42 2.76
N LEU A 48 4.53 1.45 2.53
CA LEU A 48 5.88 1.33 2.02
C LEU A 48 6.70 0.42 2.93
N LEU A 49 6.65 0.68 4.24
CA LEU A 49 7.42 -0.10 5.21
C LEU A 49 7.12 -1.60 5.13
N GLN A 50 5.87 -2.02 4.91
CA GLN A 50 5.53 -3.43 4.71
C GLN A 50 6.01 -3.93 3.35
N ALA A 51 5.62 -3.26 2.26
CA ALA A 51 5.96 -3.62 0.89
C ALA A 51 7.47 -3.85 0.76
N GLY A 52 8.29 -2.88 1.15
CA GLY A 52 9.74 -2.92 1.11
C GLY A 52 10.35 -3.41 2.42
N ALA A 53 9.69 -4.29 3.19
CA ALA A 53 10.28 -4.95 4.35
C ALA A 53 11.35 -5.93 3.85
N ALA A 54 10.94 -7.14 3.49
CA ALA A 54 11.80 -8.24 3.11
C ALA A 54 10.92 -9.29 2.44
N GLY A 55 11.52 -10.04 1.51
CA GLY A 55 10.85 -11.09 0.77
C GLY A 55 10.05 -10.51 -0.38
N SER A 56 9.09 -9.64 -0.08
CA SER A 56 8.05 -9.21 -1.01
C SER A 56 8.59 -8.78 -2.37
N GLY A 57 8.06 -9.38 -3.42
CA GLY A 57 8.27 -9.00 -4.81
C GLY A 57 7.35 -7.85 -5.20
N CYS A 58 7.18 -6.89 -4.29
CA CYS A 58 6.59 -5.61 -4.57
C CYS A 58 7.66 -4.74 -5.21
N ASP A 59 7.25 -3.75 -5.97
CA ASP A 59 8.17 -2.91 -6.74
C ASP A 59 8.28 -1.54 -6.09
N MET A 60 9.36 -1.29 -5.34
CA MET A 60 9.62 0.00 -4.74
C MET A 60 10.79 0.72 -5.41
N GLU A 61 10.79 2.05 -5.25
CA GLU A 61 11.82 2.93 -5.76
C GLU A 61 13.14 2.82 -4.99
N TYR A 1 -2.16 3.88 15.37
CA TYR A 1 -2.10 4.18 13.93
C TYR A 1 -2.47 2.94 13.15
N ASN A 2 -3.39 3.03 12.20
CA ASN A 2 -3.57 2.04 11.15
C ASN A 2 -3.52 2.78 9.82
N PRO A 3 -2.97 2.20 8.76
CA PRO A 3 -2.81 2.85 7.47
C PRO A 3 -4.15 3.28 6.85
N GLU A 4 -5.24 2.64 7.27
CA GLU A 4 -6.60 2.98 6.88
C GLU A 4 -7.00 4.40 7.34
N ASP A 5 -6.24 5.04 8.23
CA ASP A 5 -6.41 6.46 8.60
C ASP A 5 -6.13 7.41 7.43
N ASP A 6 -5.39 6.94 6.43
CA ASP A 6 -5.01 7.71 5.23
C ASP A 6 -5.36 6.94 3.95
N TYR A 7 -6.27 5.95 4.03
CA TYR A 7 -6.75 5.24 2.86
C TYR A 7 -7.48 6.23 1.94
N THR A 8 -7.19 6.19 0.64
CA THR A 8 -7.77 7.08 -0.35
C THR A 8 -8.68 6.28 -1.30
N PRO A 9 -9.91 5.90 -0.90
CA PRO A 9 -10.81 5.08 -1.72
C PRO A 9 -11.18 5.75 -3.04
N LEU A 10 -11.14 7.09 -3.09
CA LEU A 10 -11.53 7.85 -4.26
C LEU A 10 -10.60 7.61 -5.44
N THR A 11 -9.33 7.30 -5.17
CA THR A 11 -8.30 7.04 -6.16
C THR A 11 -7.89 5.56 -6.18
N CYS A 12 -8.29 4.78 -5.16
CA CYS A 12 -7.79 3.42 -5.01
C CYS A 12 -8.72 2.43 -5.73
N PRO A 13 -8.19 1.55 -6.61
CA PRO A 13 -8.96 0.47 -7.21
C PRO A 13 -9.13 -0.74 -6.28
N HIS A 14 -8.84 -0.63 -4.98
CA HIS A 14 -8.91 -1.73 -4.03
C HIS A 14 -9.75 -1.29 -2.84
N THR A 15 -10.67 -2.15 -2.45
CA THR A 15 -11.59 -1.94 -1.35
C THR A 15 -10.83 -2.03 -0.03
N ILE A 16 -11.27 -1.37 1.04
CA ILE A 16 -10.57 -1.36 2.33
C ILE A 16 -10.33 -2.76 2.88
N SER A 17 -11.19 -3.71 2.47
CA SER A 17 -11.16 -5.10 2.84
C SER A 17 -9.88 -5.79 2.37
N VAL A 18 -9.31 -5.31 1.27
CA VAL A 18 -8.13 -5.83 0.58
C VAL A 18 -7.30 -4.65 0.09
N VAL A 19 -7.08 -3.64 0.92
CA VAL A 19 -6.14 -2.57 0.55
C VAL A 19 -4.84 -2.63 1.39
N TRP A 20 -4.65 -3.67 2.20
CA TRP A 20 -3.32 -3.96 2.71
C TRP A 20 -2.64 -5.01 1.82
N TYR A 21 -3.31 -6.14 1.65
CA TYR A 21 -2.72 -7.32 1.02
C TYR A 21 -2.33 -7.02 -0.44
N GLU A 22 -3.12 -6.24 -1.14
CA GLU A 22 -3.04 -5.96 -2.55
C GLU A 22 -1.77 -5.17 -2.96
N CYS A 23 -1.31 -4.27 -2.10
CA CYS A 23 -0.23 -3.32 -2.27
C CYS A 23 0.91 -3.67 -1.33
N THR A 24 0.80 -4.74 -0.53
CA THR A 24 1.88 -5.16 0.35
C THR A 24 2.20 -6.66 0.30
N GLU A 25 1.40 -7.48 -0.38
CA GLU A 25 1.53 -8.95 -0.37
C GLU A 25 1.32 -9.53 -1.78
N ASN A 26 0.56 -8.82 -2.62
CA ASN A 26 0.30 -9.14 -4.01
C ASN A 26 1.27 -8.40 -4.93
N THR A 27 2.30 -9.10 -5.39
CA THR A 27 3.30 -8.66 -6.35
C THR A 27 2.71 -8.11 -7.66
N ALA A 28 1.47 -8.47 -8.02
CA ALA A 28 0.79 -7.95 -9.20
C ALA A 28 0.37 -6.47 -9.06
N ASN A 29 0.57 -5.83 -7.90
CA ASN A 29 0.42 -4.37 -7.79
C ASN A 29 1.57 -3.75 -6.99
N CYS A 30 2.01 -4.41 -5.91
CA CYS A 30 2.68 -3.78 -4.77
C CYS A 30 3.96 -3.00 -5.13
N GLY A 31 4.22 -1.93 -4.37
CA GLY A 31 5.33 -1.01 -4.60
C GLY A 31 4.94 0.41 -4.27
N THR A 32 5.84 1.36 -4.49
CA THR A 32 5.72 2.73 -3.98
C THR A 32 4.45 3.39 -4.51
N ALA A 33 4.28 3.34 -5.83
CA ALA A 33 3.18 4.00 -6.49
C ALA A 33 1.85 3.32 -6.13
N CYS A 34 1.88 2.01 -5.85
CA CYS A 34 0.73 1.27 -5.31
C CYS A 34 0.28 1.93 -4.02
N CYS A 35 1.21 2.10 -3.08
CA CYS A 35 0.95 2.74 -1.81
C CYS A 35 0.42 4.15 -2.04
N ASP A 36 1.14 5.02 -2.74
CA ASP A 36 0.75 6.43 -2.91
C ASP A 36 -0.63 6.59 -3.55
N SER A 37 -1.03 5.69 -4.44
CA SER A 37 -2.34 5.72 -5.10
C SER A 37 -3.49 5.20 -4.24
N CYS A 38 -3.23 4.70 -3.02
CA CYS A 38 -4.22 4.14 -2.13
C CYS A 38 -4.07 4.59 -0.67
N PHE A 39 -2.95 5.22 -0.31
CA PHE A 39 -2.59 5.63 1.03
C PHE A 39 -1.73 6.87 0.95
N GLU A 40 -1.89 7.77 1.91
CA GLU A 40 -1.08 8.97 2.03
C GLU A 40 -0.36 9.01 3.38
N LEU A 41 0.56 9.96 3.54
CA LEU A 41 1.11 10.42 4.81
C LEU A 41 1.64 9.25 5.67
N THR A 42 1.15 9.09 6.90
CA THR A 42 1.60 7.99 7.77
C THR A 42 1.12 6.63 7.23
N GLY A 43 0.00 6.56 6.50
CA GLY A 43 -0.51 5.31 5.94
C GLY A 43 0.36 4.86 4.78
N ASN A 44 0.75 5.82 3.96
CA ASN A 44 1.70 5.64 2.88
C ASN A 44 2.98 5.05 3.43
N THR A 45 3.51 5.67 4.48
CA THR A 45 4.69 5.21 5.19
C THR A 45 4.54 3.74 5.58
N MET A 46 3.49 3.37 6.33
CA MET A 46 3.31 2.00 6.78
C MET A 46 3.19 1.03 5.62
N CYS A 47 2.46 1.39 4.56
CA CYS A 47 2.34 0.59 3.35
C CYS A 47 3.72 0.33 2.75
N LEU A 48 4.51 1.39 2.54
CA LEU A 48 5.88 1.30 2.04
C LEU A 48 6.70 0.38 2.94
N LEU A 49 6.61 0.58 4.25
CA LEU A 49 7.38 -0.20 5.23
C LEU A 49 7.05 -1.69 5.17
N GLN A 50 5.82 -2.06 4.79
CA GLN A 50 5.43 -3.43 4.57
C GLN A 50 5.86 -3.92 3.19
N ALA A 51 5.53 -3.19 2.12
CA ALA A 51 5.81 -3.54 0.73
C ALA A 51 7.30 -3.82 0.54
N GLY A 52 8.15 -2.87 0.94
CA GLY A 52 9.59 -2.93 0.90
C GLY A 52 10.17 -3.15 2.30
N ALA A 53 9.60 -4.09 3.06
CA ALA A 53 10.12 -4.58 4.32
C ALA A 53 11.47 -5.27 4.10
N ALA A 54 11.42 -6.55 3.71
CA ALA A 54 12.52 -7.44 3.45
C ALA A 54 11.96 -8.67 2.72
N GLY A 55 12.82 -9.33 1.96
CA GLY A 55 12.59 -10.62 1.33
C GLY A 55 11.68 -10.60 0.11
N SER A 56 10.83 -9.58 -0.06
CA SER A 56 9.72 -9.63 -1.00
C SER A 56 10.05 -9.17 -2.42
N GLY A 57 9.00 -9.04 -3.23
CA GLY A 57 9.01 -8.59 -4.61
C GLY A 57 8.91 -7.07 -4.68
N CYS A 58 7.68 -6.58 -4.90
CA CYS A 58 7.25 -5.20 -5.08
C CYS A 58 8.21 -4.36 -5.93
N ASP A 59 8.13 -3.03 -5.87
CA ASP A 59 8.94 -2.11 -6.66
C ASP A 59 9.16 -0.87 -5.80
N MET A 60 10.42 -0.52 -5.50
CA MET A 60 10.77 0.67 -4.71
C MET A 60 11.20 1.80 -5.63
N GLU A 61 10.24 2.34 -6.40
CA GLU A 61 10.33 3.65 -7.02
C GLU A 61 10.63 4.65 -5.93
N TYR A 1 -1.79 2.54 15.13
CA TYR A 1 -2.08 3.32 13.93
C TYR A 1 -2.36 2.35 12.79
N ASN A 2 -3.54 2.44 12.16
CA ASN A 2 -3.81 1.70 10.92
C ASN A 2 -3.45 2.60 9.75
N PRO A 3 -2.83 2.09 8.67
CA PRO A 3 -2.69 2.85 7.45
C PRO A 3 -4.06 3.19 6.82
N GLU A 4 -5.12 2.43 7.12
CA GLU A 4 -6.50 2.73 6.74
C GLU A 4 -6.95 4.13 7.21
N ASP A 5 -6.27 4.71 8.20
CA ASP A 5 -6.58 6.03 8.75
C ASP A 5 -6.27 7.15 7.75
N ASP A 6 -5.56 6.85 6.65
CA ASP A 6 -5.28 7.71 5.49
C ASP A 6 -5.46 6.93 4.18
N TYR A 7 -6.32 5.91 4.17
CA TYR A 7 -6.70 5.21 2.94
C TYR A 7 -7.58 6.13 2.07
N THR A 8 -7.35 6.09 0.76
CA THR A 8 -7.96 7.00 -0.21
C THR A 8 -8.73 6.19 -1.28
N PRO A 9 -10.02 5.86 -1.07
CA PRO A 9 -10.76 5.01 -1.98
C PRO A 9 -10.95 5.63 -3.37
N LEU A 10 -10.84 6.95 -3.48
CA LEU A 10 -11.09 7.73 -4.69
C LEU A 10 -10.12 7.27 -5.77
N THR A 11 -8.84 7.33 -5.44
CA THR A 11 -7.70 7.01 -6.27
C THR A 11 -7.35 5.52 -6.20
N CYS A 12 -7.94 4.76 -5.26
CA CYS A 12 -7.56 3.39 -5.02
C CYS A 12 -8.59 2.44 -5.64
N PRO A 13 -8.26 1.71 -6.72
CA PRO A 13 -9.15 0.70 -7.31
C PRO A 13 -9.47 -0.49 -6.39
N HIS A 14 -9.01 -0.49 -5.14
CA HIS A 14 -9.03 -1.64 -4.24
C HIS A 14 -9.78 -1.26 -2.99
N THR A 15 -10.60 -2.18 -2.51
CA THR A 15 -11.46 -1.99 -1.37
C THR A 15 -10.62 -1.93 -0.09
N ILE A 16 -11.11 -1.23 0.94
CA ILE A 16 -10.53 -1.26 2.28
C ILE A 16 -10.53 -2.69 2.87
N SER A 17 -11.31 -3.60 2.27
CA SER A 17 -11.41 -5.00 2.61
C SER A 17 -10.07 -5.72 2.42
N VAL A 18 -9.25 -5.28 1.47
CA VAL A 18 -8.03 -6.00 1.08
C VAL A 18 -6.82 -5.10 0.86
N VAL A 19 -7.00 -3.79 0.82
CA VAL A 19 -5.98 -2.86 0.34
C VAL A 19 -4.62 -3.08 1.00
N TRP A 20 -4.54 -3.44 2.29
CA TRP A 20 -3.25 -3.75 2.90
C TRP A 20 -2.56 -4.88 2.13
N TYR A 21 -3.12 -6.08 2.15
CA TYR A 21 -2.65 -7.24 1.40
C TYR A 21 -2.37 -6.90 -0.07
N GLU A 22 -3.33 -6.29 -0.77
CA GLU A 22 -3.26 -6.06 -2.21
C GLU A 22 -2.04 -5.16 -2.52
N CYS A 23 -1.67 -4.24 -1.61
CA CYS A 23 -0.72 -3.17 -1.87
C CYS A 23 0.63 -3.49 -1.27
N THR A 24 0.74 -4.59 -0.51
CA THR A 24 1.95 -4.93 0.22
C THR A 24 2.42 -6.37 -0.03
N GLU A 25 1.63 -7.20 -0.74
CA GLU A 25 1.84 -8.64 -0.76
C GLU A 25 1.45 -9.28 -2.10
N ASN A 26 0.45 -8.72 -2.78
CA ASN A 26 0.05 -9.12 -4.13
C ASN A 26 0.97 -8.44 -5.15
N THR A 27 2.02 -9.15 -5.59
CA THR A 27 3.11 -8.60 -6.41
C THR A 27 2.66 -8.13 -7.80
N ALA A 28 1.43 -8.40 -8.23
CA ALA A 28 0.84 -7.80 -9.41
C ALA A 28 0.72 -6.28 -9.28
N ASN A 29 0.55 -5.76 -8.06
CA ASN A 29 0.26 -4.35 -7.83
C ASN A 29 1.20 -3.72 -6.83
N CYS A 30 1.60 -4.46 -5.80
CA CYS A 30 2.21 -3.88 -4.61
C CYS A 30 3.50 -3.12 -4.89
N GLY A 31 3.97 -2.37 -3.89
CA GLY A 31 5.17 -1.55 -4.00
C GLY A 31 4.85 -0.06 -3.89
N THR A 32 5.87 0.75 -4.13
CA THR A 32 5.81 2.20 -3.94
C THR A 32 4.62 2.84 -4.68
N ALA A 33 4.42 2.51 -5.96
CA ALA A 33 3.38 3.13 -6.77
C ALA A 33 1.98 2.70 -6.36
N CYS A 34 1.81 1.55 -5.72
CA CYS A 34 0.52 1.21 -5.13
C CYS A 34 0.29 2.10 -3.91
N CYS A 35 1.25 2.12 -2.98
CA CYS A 35 1.11 2.82 -1.72
C CYS A 35 0.76 4.29 -1.96
N ASP A 36 1.43 4.93 -2.92
CA ASP A 36 1.26 6.34 -3.26
C ASP A 36 -0.04 6.63 -4.04
N SER A 37 -0.84 5.61 -4.35
CA SER A 37 -2.18 5.74 -4.93
C SER A 37 -3.31 5.38 -3.97
N CYS A 38 -3.03 4.71 -2.85
CA CYS A 38 -4.05 4.11 -2.00
C CYS A 38 -3.96 4.55 -0.55
N PHE A 39 -2.88 5.20 -0.15
CA PHE A 39 -2.62 5.62 1.20
C PHE A 39 -1.86 6.93 1.16
N GLU A 40 -1.99 7.73 2.22
CA GLU A 40 -1.33 9.02 2.33
C GLU A 40 -0.61 9.13 3.67
N LEU A 41 0.27 10.11 3.78
CA LEU A 41 0.93 10.55 5.00
C LEU A 41 1.48 9.37 5.83
N THR A 42 1.04 9.17 7.07
CA THR A 42 1.55 8.07 7.90
C THR A 42 1.15 6.72 7.27
N GLY A 43 -0.07 6.61 6.73
CA GLY A 43 -0.56 5.39 6.11
C GLY A 43 0.29 5.00 4.93
N ASN A 44 0.64 5.98 4.09
CA ASN A 44 1.53 5.83 2.97
C ASN A 44 2.86 5.27 3.44
N THR A 45 3.41 5.86 4.49
CA THR A 45 4.68 5.45 5.07
C THR A 45 4.63 3.99 5.54
N MET A 46 3.60 3.56 6.28
CA MET A 46 3.52 2.18 6.74
C MET A 46 3.34 1.22 5.56
N CYS A 47 2.55 1.59 4.55
CA CYS A 47 2.42 0.80 3.33
C CYS A 47 3.79 0.60 2.69
N LEU A 48 4.54 1.69 2.52
CA LEU A 48 5.89 1.66 1.97
C LEU A 48 6.78 0.75 2.79
N LEU A 49 6.68 0.81 4.12
CA LEU A 49 7.40 -0.11 5.02
C LEU A 49 7.14 -1.58 4.65
N GLN A 50 5.87 -2.00 4.62
CA GLN A 50 5.51 -3.41 4.41
C GLN A 50 5.79 -3.83 2.96
N ALA A 51 5.36 -3.06 1.97
CA ALA A 51 5.56 -3.39 0.57
C ALA A 51 7.06 -3.43 0.27
N GLY A 52 7.80 -2.40 0.71
CA GLY A 52 9.22 -2.23 0.54
C GLY A 52 10.03 -3.08 1.51
N ALA A 53 9.61 -4.32 1.73
CA ALA A 53 10.28 -5.40 2.45
C ALA A 53 11.48 -5.98 1.70
N ALA A 54 12.09 -5.16 0.86
CA ALA A 54 13.04 -5.41 -0.20
C ALA A 54 12.39 -6.10 -1.38
N GLY A 55 13.10 -6.10 -2.49
CA GLY A 55 12.74 -6.67 -3.78
C GLY A 55 12.63 -8.20 -3.80
N SER A 56 12.15 -8.80 -2.71
CA SER A 56 11.74 -10.18 -2.65
C SER A 56 10.43 -10.30 -3.44
N GLY A 57 9.40 -9.52 -3.06
CA GLY A 57 8.08 -9.57 -3.66
C GLY A 57 7.82 -8.36 -4.54
N CYS A 58 7.37 -7.27 -3.91
CA CYS A 58 7.07 -5.99 -4.54
C CYS A 58 8.35 -5.31 -5.03
N ASP A 59 8.21 -4.09 -5.56
CA ASP A 59 9.30 -3.18 -5.87
C ASP A 59 9.13 -1.90 -5.05
N MET A 60 10.23 -1.39 -4.49
CA MET A 60 10.28 -0.09 -3.85
C MET A 60 11.47 0.70 -4.35
N GLU A 61 11.44 2.00 -4.13
CA GLU A 61 12.50 2.95 -4.39
C GLU A 61 13.08 3.30 -3.03
N TYR A 1 -2.23 3.88 15.23
CA TYR A 1 -2.24 4.67 13.99
C TYR A 1 -3.25 4.08 13.01
N ASN A 2 -3.01 2.86 12.48
CA ASN A 2 -3.81 2.19 11.44
C ASN A 2 -3.71 2.92 10.09
N PRO A 3 -3.10 2.31 9.05
CA PRO A 3 -3.02 2.95 7.74
C PRO A 3 -4.37 3.27 7.11
N GLU A 4 -5.42 2.57 7.50
CA GLU A 4 -6.78 2.78 7.04
C GLU A 4 -7.34 4.16 7.43
N ASP A 5 -6.69 4.92 8.33
CA ASP A 5 -7.04 6.34 8.60
C ASP A 5 -6.76 7.22 7.38
N ASP A 6 -5.82 6.84 6.52
CA ASP A 6 -5.35 7.59 5.33
C ASP A 6 -5.58 6.78 4.06
N TYR A 7 -6.47 5.79 4.11
CA TYR A 7 -6.93 5.07 2.94
C TYR A 7 -7.69 6.04 2.02
N THR A 8 -7.39 6.06 0.72
CA THR A 8 -7.96 6.98 -0.25
C THR A 8 -8.76 6.23 -1.34
N PRO A 9 -10.05 5.91 -1.11
CA PRO A 9 -10.83 5.11 -2.06
C PRO A 9 -10.99 5.79 -3.42
N LEU A 10 -10.97 7.14 -3.45
CA LEU A 10 -11.05 7.95 -4.64
C LEU A 10 -10.09 7.42 -5.70
N THR A 11 -8.80 7.34 -5.36
CA THR A 11 -7.72 6.96 -6.25
C THR A 11 -7.45 5.45 -6.24
N CYS A 12 -8.04 4.69 -5.31
CA CYS A 12 -7.65 3.32 -5.06
C CYS A 12 -8.57 2.31 -5.76
N PRO A 13 -8.06 1.48 -6.69
CA PRO A 13 -8.81 0.40 -7.33
C PRO A 13 -9.04 -0.81 -6.41
N HIS A 14 -8.83 -0.66 -5.10
CA HIS A 14 -8.84 -1.75 -4.13
C HIS A 14 -9.69 -1.31 -2.95
N THR A 15 -10.54 -2.22 -2.49
CA THR A 15 -11.48 -1.94 -1.42
C THR A 15 -10.73 -1.89 -0.09
N ILE A 16 -11.29 -1.26 0.94
CA ILE A 16 -10.65 -1.19 2.26
C ILE A 16 -10.44 -2.59 2.85
N SER A 17 -11.23 -3.57 2.40
CA SER A 17 -11.11 -4.97 2.74
C SER A 17 -9.73 -5.50 2.33
N VAL A 18 -9.28 -5.14 1.12
CA VAL A 18 -8.15 -5.75 0.45
C VAL A 18 -7.27 -4.65 -0.13
N VAL A 19 -6.89 -3.66 0.67
CA VAL A 19 -5.97 -2.62 0.20
C VAL A 19 -4.55 -2.83 0.73
N TRP A 20 -4.36 -3.06 2.04
CA TRP A 20 -3.04 -3.23 2.66
C TRP A 20 -2.27 -4.33 1.94
N TYR A 21 -2.66 -5.59 2.14
CA TYR A 21 -2.02 -6.76 1.55
C TYR A 21 -1.84 -6.57 0.04
N GLU A 22 -2.83 -5.97 -0.64
CA GLU A 22 -2.86 -5.93 -2.08
C GLU A 22 -1.67 -5.02 -2.54
N CYS A 23 -1.35 -3.98 -1.77
CA CYS A 23 -0.29 -3.05 -2.14
C CYS A 23 1.02 -3.38 -1.43
N THR A 24 1.08 -4.42 -0.59
CA THR A 24 2.27 -4.76 0.15
C THR A 24 2.76 -6.18 -0.12
N GLU A 25 1.98 -7.00 -0.84
CA GLU A 25 2.15 -8.44 -0.80
C GLU A 25 1.64 -9.11 -2.08
N ASN A 26 0.53 -8.60 -2.62
CA ASN A 26 0.02 -9.04 -3.92
C ASN A 26 0.88 -8.44 -5.03
N THR A 27 1.84 -9.23 -5.49
CA THR A 27 2.81 -8.87 -6.51
C THR A 27 2.19 -8.59 -7.88
N ALA A 28 0.88 -8.78 -8.05
CA ALA A 28 0.15 -8.27 -9.20
C ALA A 28 0.24 -6.75 -9.32
N ASN A 29 0.41 -6.04 -8.20
CA ASN A 29 0.53 -4.58 -8.21
C ASN A 29 1.68 -4.21 -7.29
N CYS A 30 1.40 -4.06 -5.99
CA CYS A 30 2.23 -3.61 -4.87
C CYS A 30 3.29 -2.53 -5.22
N GLY A 31 4.16 -2.22 -4.26
CA GLY A 31 5.21 -1.23 -4.43
C GLY A 31 4.72 0.19 -4.19
N THR A 32 5.67 1.15 -4.26
CA THR A 32 5.46 2.53 -3.84
C THR A 32 4.21 3.18 -4.44
N ALA A 33 3.96 3.08 -5.75
CA ALA A 33 2.84 3.81 -6.36
C ALA A 33 1.50 3.17 -6.00
N CYS A 34 1.46 1.85 -5.79
CA CYS A 34 0.28 1.18 -5.27
C CYS A 34 -0.06 1.79 -3.91
N CYS A 35 0.94 1.91 -3.04
CA CYS A 35 0.79 2.62 -1.78
C CYS A 35 0.27 4.03 -2.03
N ASP A 36 0.95 4.84 -2.83
CA ASP A 36 0.71 6.28 -2.96
C ASP A 36 -0.63 6.65 -3.56
N SER A 37 -1.16 5.77 -4.41
CA SER A 37 -2.52 5.88 -4.96
C SER A 37 -3.62 5.45 -3.97
N CYS A 38 -3.29 4.83 -2.83
CA CYS A 38 -4.28 4.19 -1.95
C CYS A 38 -4.12 4.56 -0.49
N PHE A 39 -2.99 5.13 -0.10
CA PHE A 39 -2.62 5.45 1.26
C PHE A 39 -1.68 6.63 1.21
N GLU A 40 -1.92 7.59 2.10
CA GLU A 40 -1.20 8.84 2.13
C GLU A 40 -0.54 9.02 3.49
N LEU A 41 0.36 10.00 3.58
CA LEU A 41 0.96 10.48 4.81
C LEU A 41 1.52 9.28 5.60
N THR A 42 1.16 9.12 6.88
CA THR A 42 1.65 7.99 7.68
C THR A 42 1.21 6.64 7.11
N GLY A 43 0.04 6.59 6.47
CA GLY A 43 -0.50 5.39 5.86
C GLY A 43 0.39 4.96 4.72
N ASN A 44 0.89 5.92 3.96
CA ASN A 44 1.89 5.66 2.94
C ASN A 44 3.12 5.04 3.58
N THR A 45 3.68 5.69 4.62
CA THR A 45 4.89 5.24 5.31
C THR A 45 4.77 3.81 5.86
N MET A 46 3.60 3.41 6.33
CA MET A 46 3.34 2.07 6.83
C MET A 46 3.31 1.08 5.65
N CYS A 47 2.59 1.36 4.55
CA CYS A 47 2.53 0.50 3.37
C CYS A 47 3.94 0.28 2.80
N LEU A 48 4.69 1.36 2.62
CA LEU A 48 6.05 1.31 2.13
C LEU A 48 6.90 0.36 2.96
N LEU A 49 6.80 0.46 4.29
CA LEU A 49 7.53 -0.40 5.23
C LEU A 49 7.22 -1.88 5.03
N GLN A 50 5.98 -2.23 4.70
CA GLN A 50 5.61 -3.63 4.52
C GLN A 50 6.03 -4.10 3.13
N ALA A 51 5.68 -3.37 2.07
CA ALA A 51 6.02 -3.72 0.70
C ALA A 51 7.52 -3.97 0.59
N GLY A 52 8.31 -2.96 0.97
CA GLY A 52 9.75 -2.95 0.86
C GLY A 52 10.46 -3.57 2.05
N ALA A 53 9.77 -4.35 2.90
CA ALA A 53 10.31 -4.87 4.15
C ALA A 53 11.65 -5.59 3.91
N ALA A 54 11.63 -6.65 3.11
CA ALA A 54 12.80 -7.39 2.66
C ALA A 54 12.51 -8.02 1.29
N GLY A 55 12.10 -7.18 0.35
CA GLY A 55 11.76 -7.57 -1.01
C GLY A 55 10.30 -7.97 -1.14
N SER A 56 9.81 -8.88 -0.28
CA SER A 56 8.55 -9.61 -0.49
C SER A 56 8.55 -10.18 -1.91
N GLY A 57 7.90 -9.52 -2.86
CA GLY A 57 8.22 -9.60 -4.28
C GLY A 57 7.81 -8.32 -5.00
N CYS A 58 7.92 -7.18 -4.32
CA CYS A 58 7.43 -5.89 -4.78
C CYS A 58 8.60 -5.03 -5.28
N ASP A 59 8.31 -4.02 -6.09
CA ASP A 59 9.31 -3.07 -6.54
C ASP A 59 9.24 -1.81 -5.66
N MET A 60 10.35 -1.09 -5.53
CA MET A 60 10.57 -0.11 -4.47
C MET A 60 10.97 1.21 -5.10
N GLU A 61 10.00 1.81 -5.80
CA GLU A 61 10.17 2.87 -6.78
C GLU A 61 11.33 2.60 -7.73
N TYR A 1 -2.80 3.40 15.31
CA TYR A 1 -2.97 4.12 14.05
C TYR A 1 -3.84 3.27 13.14
N ASN A 2 -3.21 2.48 12.25
CA ASN A 2 -3.66 1.70 11.11
C ASN A 2 -3.65 2.62 9.90
N PRO A 3 -3.02 2.21 8.78
CA PRO A 3 -2.93 3.04 7.58
C PRO A 3 -4.29 3.31 6.94
N GLU A 4 -5.32 2.54 7.31
CA GLU A 4 -6.70 2.74 6.90
C GLU A 4 -7.23 4.13 7.31
N ASP A 5 -6.61 4.78 8.31
CA ASP A 5 -6.89 6.18 8.69
C ASP A 5 -6.69 7.12 7.50
N ASP A 6 -5.74 6.81 6.62
CA ASP A 6 -5.32 7.64 5.47
C ASP A 6 -5.45 6.83 4.18
N TYR A 7 -6.37 5.86 4.15
CA TYR A 7 -6.78 5.18 2.92
C TYR A 7 -7.51 6.19 2.01
N THR A 8 -7.32 6.05 0.70
CA THR A 8 -7.85 6.97 -0.29
C THR A 8 -8.66 6.22 -1.35
N PRO A 9 -9.94 5.89 -1.08
CA PRO A 9 -10.74 5.13 -2.03
C PRO A 9 -10.97 5.92 -3.33
N LEU A 10 -10.88 7.25 -3.29
CA LEU A 10 -11.11 8.10 -4.45
C LEU A 10 -10.13 7.80 -5.58
N THR A 11 -8.93 7.34 -5.24
CA THR A 11 -7.88 6.98 -6.19
C THR A 11 -7.56 5.48 -6.14
N CYS A 12 -7.92 4.78 -5.06
CA CYS A 12 -7.51 3.40 -4.88
C CYS A 12 -8.41 2.46 -5.69
N PRO A 13 -7.87 1.69 -6.65
CA PRO A 13 -8.64 0.68 -7.40
C PRO A 13 -8.99 -0.56 -6.57
N HIS A 14 -8.82 -0.51 -5.25
CA HIS A 14 -8.92 -1.66 -4.34
C HIS A 14 -9.75 -1.25 -3.14
N THR A 15 -10.52 -2.18 -2.59
CA THR A 15 -11.39 -1.95 -1.44
C THR A 15 -10.55 -1.88 -0.17
N ILE A 16 -11.11 -1.33 0.91
CA ILE A 16 -10.50 -1.44 2.23
C ILE A 16 -10.25 -2.91 2.63
N SER A 17 -11.08 -3.83 2.15
CA SER A 17 -10.94 -5.25 2.40
C SER A 17 -9.74 -5.88 1.68
N VAL A 18 -9.16 -5.21 0.67
CA VAL A 18 -7.93 -5.66 0.02
C VAL A 18 -7.14 -4.44 -0.41
N VAL A 19 -6.56 -3.73 0.53
CA VAL A 19 -5.66 -2.63 0.20
C VAL A 19 -4.28 -2.85 0.80
N TRP A 20 -4.18 -3.14 2.10
CA TRP A 20 -2.90 -3.43 2.73
C TRP A 20 -2.21 -4.60 2.04
N TYR A 21 -2.83 -5.79 2.09
CA TYR A 21 -2.39 -6.97 1.36
C TYR A 21 -2.01 -6.62 -0.08
N GLU A 22 -2.85 -5.83 -0.75
CA GLU A 22 -2.83 -5.81 -2.18
C GLU A 22 -1.61 -4.94 -2.56
N CYS A 23 -1.31 -3.87 -1.80
CA CYS A 23 -0.27 -2.92 -2.13
C CYS A 23 1.07 -3.36 -1.57
N THR A 24 1.09 -4.35 -0.68
CA THR A 24 2.27 -4.68 0.08
C THR A 24 2.68 -6.14 -0.08
N GLU A 25 1.86 -6.97 -0.73
CA GLU A 25 2.04 -8.42 -0.74
C GLU A 25 1.60 -9.05 -2.07
N ASN A 26 0.46 -8.60 -2.61
CA ASN A 26 -0.13 -9.12 -3.85
C ASN A 26 0.77 -8.82 -5.06
N THR A 27 1.53 -9.83 -5.47
CA THR A 27 2.47 -9.81 -6.59
C THR A 27 1.88 -9.24 -7.89
N ALA A 28 0.55 -9.29 -8.06
CA ALA A 28 -0.16 -8.79 -9.23
C ALA A 28 -0.14 -7.27 -9.40
N ASN A 29 0.18 -6.47 -8.37
CA ASN A 29 0.34 -5.02 -8.53
C ASN A 29 1.44 -4.54 -7.59
N CYS A 30 1.09 -4.43 -6.29
CA CYS A 30 1.88 -3.93 -5.15
C CYS A 30 2.84 -2.75 -5.43
N GLY A 31 3.75 -2.47 -4.49
CA GLY A 31 4.84 -1.51 -4.62
C GLY A 31 4.47 -0.08 -4.21
N THR A 32 5.49 0.79 -4.19
CA THR A 32 5.40 2.19 -3.79
C THR A 32 4.25 2.94 -4.49
N ALA A 33 4.03 2.71 -5.79
CA ALA A 33 2.98 3.41 -6.52
C ALA A 33 1.58 2.96 -6.07
N CYS A 34 1.40 1.70 -5.69
CA CYS A 34 0.15 1.24 -5.10
C CYS A 34 -0.02 1.93 -3.75
N CYS A 35 1.03 1.90 -2.92
CA CYS A 35 1.01 2.51 -1.61
C CYS A 35 0.69 4.00 -1.68
N ASP A 36 1.08 4.71 -2.74
CA ASP A 36 0.77 6.15 -2.86
C ASP A 36 -0.69 6.36 -3.23
N SER A 37 -1.16 5.75 -4.32
CA SER A 37 -2.53 5.91 -4.82
C SER A 37 -3.62 5.38 -3.88
N CYS A 38 -3.25 4.67 -2.81
CA CYS A 38 -4.17 4.07 -1.87
C CYS A 38 -3.95 4.49 -0.42
N PHE A 39 -2.82 5.12 -0.08
CA PHE A 39 -2.55 5.57 1.28
C PHE A 39 -1.74 6.86 1.25
N GLU A 40 -1.95 7.75 2.22
CA GLU A 40 -1.26 9.02 2.30
C GLU A 40 -0.61 9.18 3.67
N LEU A 41 0.30 10.14 3.77
CA LEU A 41 0.92 10.57 5.02
C LEU A 41 1.44 9.35 5.78
N THR A 42 1.11 9.20 7.06
CA THR A 42 1.61 8.08 7.87
C THR A 42 1.13 6.73 7.33
N GLY A 43 -0.02 6.70 6.64
CA GLY A 43 -0.54 5.51 5.99
C GLY A 43 0.37 5.12 4.85
N ASN A 44 0.83 6.10 4.08
CA ASN A 44 1.80 5.89 3.03
C ASN A 44 3.06 5.31 3.65
N THR A 45 3.63 5.96 4.67
CA THR A 45 4.84 5.49 5.34
C THR A 45 4.68 4.02 5.73
N MET A 46 3.59 3.68 6.43
CA MET A 46 3.36 2.33 6.91
C MET A 46 3.31 1.33 5.77
N CYS A 47 2.62 1.66 4.67
CA CYS A 47 2.52 0.81 3.49
C CYS A 47 3.91 0.56 2.90
N LEU A 48 4.70 1.60 2.70
CA LEU A 48 6.07 1.51 2.20
C LEU A 48 6.90 0.61 3.11
N LEU A 49 6.80 0.80 4.42
CA LEU A 49 7.46 0.01 5.46
C LEU A 49 7.16 -1.48 5.36
N GLN A 50 5.97 -1.87 4.88
CA GLN A 50 5.62 -3.26 4.60
C GLN A 50 6.14 -3.71 3.23
N ALA A 51 5.80 -2.95 2.19
CA ALA A 51 6.07 -3.29 0.80
C ALA A 51 7.58 -3.43 0.55
N GLY A 52 8.37 -2.44 1.00
CA GLY A 52 9.81 -2.39 0.79
C GLY A 52 10.61 -3.20 1.80
N ALA A 53 9.97 -3.96 2.70
CA ALA A 53 10.66 -4.80 3.68
C ALA A 53 11.35 -6.03 3.08
N ALA A 54 11.07 -6.33 1.80
CA ALA A 54 11.39 -7.52 1.05
C ALA A 54 10.82 -8.80 1.68
N GLY A 55 10.60 -9.78 0.81
CA GLY A 55 9.89 -11.03 1.11
C GLY A 55 8.50 -11.02 0.47
N SER A 56 7.89 -9.84 0.29
CA SER A 56 6.68 -9.67 -0.51
C SER A 56 6.92 -10.06 -1.98
N GLY A 57 7.61 -9.21 -2.74
CA GLY A 57 7.75 -9.38 -4.19
C GLY A 57 7.35 -8.13 -4.98
N CYS A 58 7.64 -6.94 -4.46
CA CYS A 58 7.50 -5.67 -5.17
C CYS A 58 8.69 -4.75 -4.87
N ASP A 59 8.73 -3.63 -5.62
CA ASP A 59 9.85 -2.69 -5.64
C ASP A 59 9.72 -1.65 -4.53
N MET A 60 10.68 -0.75 -4.39
CA MET A 60 10.53 0.45 -3.58
C MET A 60 11.30 1.61 -4.20
N GLU A 61 10.97 2.84 -3.80
CA GLU A 61 11.59 4.07 -4.30
C GLU A 61 11.69 5.08 -3.18
N TYR A 1 -2.92 3.63 14.93
CA TYR A 1 -2.70 3.98 13.53
C TYR A 1 -3.65 3.16 12.66
N ASN A 2 -3.25 1.97 12.18
CA ASN A 2 -3.70 1.33 10.95
C ASN A 2 -3.48 2.27 9.75
N PRO A 3 -2.90 1.77 8.64
CA PRO A 3 -2.67 2.57 7.45
C PRO A 3 -3.98 3.05 6.80
N GLU A 4 -5.08 2.36 7.08
CA GLU A 4 -6.43 2.70 6.67
C GLU A 4 -6.89 4.10 7.14
N ASP A 5 -6.15 4.74 8.05
CA ASP A 5 -6.34 6.11 8.52
C ASP A 5 -6.27 7.14 7.38
N ASP A 6 -5.53 6.81 6.32
CA ASP A 6 -5.24 7.66 5.16
C ASP A 6 -5.57 6.89 3.87
N TYR A 7 -6.51 5.94 3.94
CA TYR A 7 -7.05 5.23 2.78
C TYR A 7 -7.73 6.25 1.85
N THR A 8 -7.34 6.30 0.59
CA THR A 8 -7.91 7.19 -0.42
C THR A 8 -8.78 6.40 -1.41
N PRO A 9 -10.03 6.03 -1.07
CA PRO A 9 -10.88 5.21 -1.94
C PRO A 9 -11.23 5.89 -3.25
N LEU A 10 -11.14 7.22 -3.30
CA LEU A 10 -11.54 8.01 -4.46
C LEU A 10 -10.64 7.72 -5.66
N THR A 11 -9.37 7.39 -5.40
CA THR A 11 -8.35 7.05 -6.37
C THR A 11 -7.98 5.57 -6.28
N CYS A 12 -8.26 4.88 -5.16
CA CYS A 12 -7.79 3.52 -4.95
C CYS A 12 -8.74 2.50 -5.62
N PRO A 13 -8.26 1.69 -6.58
CA PRO A 13 -9.08 0.67 -7.24
C PRO A 13 -9.34 -0.58 -6.37
N HIS A 14 -9.12 -0.51 -5.06
CA HIS A 14 -9.27 -1.63 -4.13
C HIS A 14 -10.04 -1.18 -2.91
N THR A 15 -10.72 -2.12 -2.27
CA THR A 15 -11.62 -1.87 -1.16
C THR A 15 -10.87 -1.84 0.16
N ILE A 16 -11.42 -1.20 1.19
CA ILE A 16 -10.91 -1.32 2.57
C ILE A 16 -11.05 -2.77 3.09
N SER A 17 -11.72 -3.64 2.34
CA SER A 17 -11.68 -5.07 2.54
C SER A 17 -10.27 -5.59 2.28
N VAL A 18 -9.69 -5.28 1.13
CA VAL A 18 -8.47 -5.89 0.65
C VAL A 18 -7.62 -4.82 -0.04
N VAL A 19 -7.05 -3.96 0.79
CA VAL A 19 -6.13 -2.95 0.32
C VAL A 19 -4.74 -3.11 0.96
N TRP A 20 -4.62 -3.53 2.23
CA TRP A 20 -3.30 -3.73 2.82
C TRP A 20 -2.51 -4.81 2.08
N TYR A 21 -2.94 -6.07 2.14
CA TYR A 21 -2.24 -7.18 1.49
C TYR A 21 -2.13 -6.94 -0.02
N GLU A 22 -3.15 -6.35 -0.64
CA GLU A 22 -3.17 -6.05 -2.06
C GLU A 22 -1.94 -5.23 -2.45
N CYS A 23 -1.47 -4.36 -1.55
CA CYS A 23 -0.48 -3.34 -1.84
C CYS A 23 0.84 -3.64 -1.17
N THR A 24 0.93 -4.74 -0.41
CA THR A 24 2.09 -5.03 0.40
C THR A 24 2.59 -6.47 0.25
N GLU A 25 1.87 -7.32 -0.49
CA GLU A 25 2.21 -8.73 -0.65
C GLU A 25 1.84 -9.26 -2.04
N ASN A 26 0.73 -8.78 -2.61
CA ASN A 26 0.32 -9.16 -3.95
C ASN A 26 1.15 -8.36 -4.95
N THR A 27 2.23 -8.96 -5.46
CA THR A 27 3.21 -8.28 -6.29
C THR A 27 2.61 -7.77 -7.60
N ALA A 28 1.42 -8.26 -8.01
CA ALA A 28 0.67 -7.74 -9.14
C ALA A 28 0.47 -6.22 -9.05
N ASN A 29 0.36 -5.69 -7.82
CA ASN A 29 0.13 -4.26 -7.57
C ASN A 29 1.15 -3.70 -6.60
N CYS A 30 1.48 -4.42 -5.51
CA CYS A 30 2.34 -3.95 -4.41
C CYS A 30 3.58 -3.22 -4.93
N GLY A 31 3.96 -2.13 -4.25
CA GLY A 31 5.11 -1.29 -4.61
C GLY A 31 4.96 0.16 -4.13
N THR A 32 5.89 1.04 -4.50
CA THR A 32 5.87 2.44 -4.10
C THR A 32 4.65 3.15 -4.66
N ALA A 33 4.45 3.09 -5.99
CA ALA A 33 3.34 3.78 -6.65
C ALA A 33 2.00 3.24 -6.13
N CYS A 34 1.92 1.93 -5.88
CA CYS A 34 0.77 1.30 -5.26
C CYS A 34 0.41 2.00 -3.95
N CYS A 35 1.39 2.09 -3.04
CA CYS A 35 1.15 2.67 -1.74
C CYS A 35 0.70 4.10 -1.90
N ASP A 36 1.36 4.89 -2.76
CA ASP A 36 1.04 6.30 -2.92
C ASP A 36 -0.32 6.54 -3.60
N SER A 37 -0.74 5.60 -4.45
CA SER A 37 -2.04 5.60 -5.12
C SER A 37 -3.20 5.41 -4.14
N CYS A 38 -3.00 4.71 -3.02
CA CYS A 38 -4.08 4.25 -2.14
C CYS A 38 -3.94 4.69 -0.68
N PHE A 39 -2.78 5.17 -0.26
CA PHE A 39 -2.51 5.61 1.08
C PHE A 39 -1.69 6.89 1.02
N GLU A 40 -1.96 7.81 1.93
CA GLU A 40 -1.24 9.08 2.03
C GLU A 40 -0.58 9.20 3.40
N LEU A 41 0.23 10.23 3.59
CA LEU A 41 0.76 10.70 4.88
C LEU A 41 1.38 9.54 5.67
N THR A 42 0.91 9.29 6.89
CA THR A 42 1.40 8.19 7.72
C THR A 42 0.98 6.85 7.09
N GLY A 43 -0.24 6.74 6.53
CA GLY A 43 -0.72 5.59 5.78
C GLY A 43 0.31 5.12 4.76
N ASN A 44 0.82 6.07 3.98
CA ASN A 44 1.78 5.83 2.91
C ASN A 44 3.01 5.15 3.49
N THR A 45 3.56 5.72 4.57
CA THR A 45 4.77 5.27 5.21
C THR A 45 4.71 3.78 5.57
N MET A 46 3.70 3.32 6.33
CA MET A 46 3.72 1.91 6.75
C MET A 46 3.46 0.96 5.60
N CYS A 47 2.67 1.37 4.59
CA CYS A 47 2.54 0.61 3.34
C CYS A 47 3.90 0.43 2.69
N LEU A 48 4.65 1.53 2.50
CA LEU A 48 5.99 1.49 1.93
C LEU A 48 6.87 0.53 2.73
N LEU A 49 6.86 0.62 4.07
CA LEU A 49 7.62 -0.27 4.95
C LEU A 49 7.30 -1.74 4.73
N GLN A 50 6.02 -2.12 4.67
CA GLN A 50 5.60 -3.51 4.53
C GLN A 50 5.98 -4.05 3.15
N ALA A 51 5.64 -3.33 2.08
CA ALA A 51 5.98 -3.71 0.70
C ALA A 51 7.50 -3.80 0.53
N GLY A 52 8.24 -2.88 1.16
CA GLY A 52 9.68 -2.71 1.04
C GLY A 52 10.46 -3.51 2.08
N ALA A 53 9.87 -4.54 2.70
CA ALA A 53 10.39 -5.19 3.91
C ALA A 53 11.85 -5.63 3.76
N ALA A 54 12.15 -6.54 2.83
CA ALA A 54 13.51 -6.95 2.51
C ALA A 54 13.50 -7.74 1.21
N GLY A 55 13.74 -7.05 0.10
CA GLY A 55 13.93 -7.62 -1.23
C GLY A 55 12.80 -8.57 -1.62
N SER A 56 11.57 -8.20 -1.27
CA SER A 56 10.39 -9.03 -1.37
C SER A 56 10.08 -9.33 -2.85
N GLY A 57 9.68 -8.31 -3.63
CA GLY A 57 9.48 -8.47 -5.07
C GLY A 57 8.38 -7.56 -5.63
N CYS A 58 8.37 -6.27 -5.29
CA CYS A 58 7.26 -5.37 -5.62
C CYS A 58 7.69 -4.26 -6.60
N ASP A 59 6.73 -3.47 -7.06
CA ASP A 59 6.86 -2.39 -8.04
C ASP A 59 7.34 -1.11 -7.34
N MET A 60 8.50 -1.17 -6.67
CA MET A 60 9.12 0.03 -6.10
C MET A 60 9.74 0.87 -7.22
N GLU A 61 10.02 2.14 -6.90
CA GLU A 61 11.11 2.89 -7.52
C GLU A 61 12.24 2.80 -6.52
N TYR A 1 -0.23 2.72 14.55
CA TYR A 1 -1.20 3.44 13.71
C TYR A 1 -1.71 2.46 12.66
N ASN A 2 -3.03 2.29 12.52
CA ASN A 2 -3.55 1.57 11.36
C ASN A 2 -3.35 2.51 10.17
N PRO A 3 -2.68 2.08 9.08
CA PRO A 3 -2.61 2.81 7.83
C PRO A 3 -3.98 3.36 7.45
N GLU A 4 -4.98 2.46 7.40
CA GLU A 4 -6.35 2.59 6.92
C GLU A 4 -7.15 3.79 7.46
N ASP A 5 -6.60 4.57 8.37
CA ASP A 5 -7.06 5.91 8.70
C ASP A 5 -6.86 6.89 7.52
N ASP A 6 -5.84 6.67 6.71
CA ASP A 6 -5.51 7.43 5.50
C ASP A 6 -6.43 7.11 4.33
N TYR A 7 -7.00 5.89 4.30
CA TYR A 7 -7.23 5.12 3.08
C TYR A 7 -8.14 5.90 2.18
N THR A 8 -7.69 6.10 0.94
CA THR A 8 -8.36 6.99 0.04
C THR A 8 -9.11 6.13 -1.00
N PRO A 9 -10.45 6.01 -0.95
CA PRO A 9 -11.20 5.17 -1.90
C PRO A 9 -11.46 5.83 -3.26
N LEU A 10 -11.12 7.11 -3.43
CA LEU A 10 -11.61 7.95 -4.51
C LEU A 10 -10.95 7.60 -5.83
N THR A 11 -9.72 7.13 -5.76
CA THR A 11 -8.89 6.71 -6.87
C THR A 11 -8.23 5.36 -6.59
N CYS A 12 -8.43 4.73 -5.42
CA CYS A 12 -7.83 3.44 -5.15
C CYS A 12 -8.65 2.34 -5.84
N PRO A 13 -8.08 1.53 -6.74
CA PRO A 13 -8.79 0.43 -7.41
C PRO A 13 -9.06 -0.79 -6.51
N HIS A 14 -8.93 -0.69 -5.19
CA HIS A 14 -9.12 -1.78 -4.22
C HIS A 14 -9.88 -1.22 -3.02
N THR A 15 -10.70 -2.05 -2.42
CA THR A 15 -11.57 -1.70 -1.30
C THR A 15 -10.78 -1.73 0.00
N ILE A 16 -11.27 -1.07 1.04
CA ILE A 16 -10.68 -1.17 2.38
C ILE A 16 -10.78 -2.61 2.92
N SER A 17 -11.56 -3.48 2.29
CA SER A 17 -11.57 -4.90 2.60
C SER A 17 -10.16 -5.48 2.35
N VAL A 18 -9.55 -5.14 1.22
CA VAL A 18 -8.32 -5.77 0.74
C VAL A 18 -7.49 -4.71 0.00
N VAL A 19 -6.91 -3.83 0.77
CA VAL A 19 -6.00 -2.83 0.28
C VAL A 19 -4.61 -2.99 0.93
N TRP A 20 -4.52 -3.41 2.19
CA TRP A 20 -3.25 -3.60 2.88
C TRP A 20 -2.47 -4.73 2.22
N TYR A 21 -2.98 -5.97 2.31
CA TYR A 21 -2.40 -7.14 1.64
C TYR A 21 -2.09 -6.80 0.19
N GLU A 22 -3.05 -6.15 -0.47
CA GLU A 22 -3.05 -5.99 -1.89
C GLU A 22 -1.87 -5.08 -2.30
N CYS A 23 -1.49 -4.10 -1.47
CA CYS A 23 -0.52 -3.09 -1.81
C CYS A 23 0.84 -3.43 -1.22
N THR A 24 0.94 -4.51 -0.45
CA THR A 24 2.15 -4.83 0.32
C THR A 24 2.63 -6.27 0.06
N GLU A 25 1.83 -7.10 -0.61
CA GLU A 25 2.05 -8.54 -0.74
C GLU A 25 1.74 -9.05 -2.15
N ASN A 26 0.60 -8.63 -2.72
CA ASN A 26 0.15 -8.98 -4.08
C ASN A 26 1.10 -8.38 -5.13
N THR A 27 2.14 -9.13 -5.52
CA THR A 27 3.19 -8.72 -6.45
C THR A 27 2.67 -8.35 -7.85
N ALA A 28 1.40 -8.61 -8.17
CA ALA A 28 0.78 -8.04 -9.35
C ALA A 28 0.92 -6.52 -9.35
N ASN A 29 0.68 -5.85 -8.20
CA ASN A 29 0.61 -4.38 -8.21
C ASN A 29 1.14 -3.72 -6.94
N CYS A 30 1.52 -4.45 -5.88
CA CYS A 30 2.13 -3.84 -4.71
C CYS A 30 3.41 -3.07 -5.10
N GLY A 31 3.82 -2.09 -4.27
CA GLY A 31 5.02 -1.29 -4.51
C GLY A 31 4.85 0.16 -4.11
N THR A 32 5.88 0.95 -4.43
CA THR A 32 5.99 2.36 -4.14
C THR A 32 4.80 3.08 -4.75
N ALA A 33 4.61 3.00 -6.07
CA ALA A 33 3.53 3.68 -6.77
C ALA A 33 2.15 3.27 -6.24
N CYS A 34 1.96 2.02 -5.80
CA CYS A 34 0.72 1.55 -5.19
C CYS A 34 0.47 2.30 -3.87
N CYS A 35 1.44 2.25 -2.96
CA CYS A 35 1.34 2.91 -1.67
C CYS A 35 1.22 4.42 -1.84
N ASP A 36 1.77 4.98 -2.91
CA ASP A 36 1.75 6.38 -3.32
C ASP A 36 0.46 6.74 -4.08
N SER A 37 -0.48 5.79 -4.19
CA SER A 37 -1.82 5.99 -4.73
C SER A 37 -2.91 5.80 -3.67
N CYS A 38 -3.04 4.59 -3.11
CA CYS A 38 -4.18 4.27 -2.23
C CYS A 38 -4.03 4.86 -0.83
N PHE A 39 -2.78 5.01 -0.39
CA PHE A 39 -2.40 5.38 0.95
C PHE A 39 -1.76 6.78 0.90
N GLU A 40 -1.74 7.51 2.01
CA GLU A 40 -1.15 8.84 2.10
C GLU A 40 -0.41 9.03 3.41
N LEU A 41 0.46 10.03 3.45
CA LEU A 41 1.14 10.54 4.64
C LEU A 41 1.78 9.40 5.46
N THR A 42 1.40 9.22 6.73
CA THR A 42 1.96 8.15 7.53
C THR A 42 1.40 6.78 7.11
N GLY A 43 0.17 6.68 6.62
CA GLY A 43 -0.38 5.42 6.15
C GLY A 43 0.38 4.94 4.91
N ASN A 44 0.73 5.88 4.02
CA ASN A 44 1.62 5.68 2.89
C ASN A 44 2.95 5.14 3.40
N THR A 45 3.55 5.81 4.38
CA THR A 45 4.82 5.39 4.94
C THR A 45 4.75 3.96 5.48
N MET A 46 3.67 3.60 6.19
CA MET A 46 3.51 2.26 6.74
C MET A 46 3.33 1.24 5.61
N CYS A 47 2.55 1.56 4.58
CA CYS A 47 2.39 0.74 3.37
C CYS A 47 3.74 0.46 2.74
N LEU A 48 4.52 1.51 2.44
CA LEU A 48 5.86 1.42 1.87
C LEU A 48 6.72 0.48 2.73
N LEU A 49 6.65 0.67 4.05
CA LEU A 49 7.36 -0.16 5.03
C LEU A 49 7.08 -1.65 4.82
N GLN A 50 5.81 -2.06 4.73
CA GLN A 50 5.43 -3.46 4.57
C GLN A 50 5.83 -3.97 3.19
N ALA A 51 5.46 -3.21 2.17
CA ALA A 51 5.70 -3.53 0.77
C ALA A 51 7.16 -3.85 0.47
N GLY A 52 8.09 -3.20 1.18
CA GLY A 52 9.52 -3.45 1.06
C GLY A 52 10.13 -4.17 2.26
N ALA A 53 9.33 -4.71 3.19
CA ALA A 53 9.78 -5.17 4.50
C ALA A 53 10.91 -6.19 4.36
N ALA A 54 10.56 -7.35 3.80
CA ALA A 54 11.39 -8.49 3.44
C ALA A 54 10.45 -9.49 2.78
N GLY A 55 10.97 -10.37 1.93
CA GLY A 55 10.19 -11.41 1.28
C GLY A 55 9.40 -10.89 0.09
N SER A 56 8.74 -9.75 0.25
CA SER A 56 7.92 -9.12 -0.78
C SER A 56 8.73 -8.87 -2.06
N GLY A 57 8.02 -8.82 -3.18
CA GLY A 57 8.55 -8.69 -4.53
C GLY A 57 7.83 -7.56 -5.26
N CYS A 58 7.70 -6.42 -4.58
CA CYS A 58 6.91 -5.28 -4.98
C CYS A 58 7.78 -4.25 -5.70
N ASP A 59 7.14 -3.46 -6.55
CA ASP A 59 7.72 -2.42 -7.41
C ASP A 59 8.27 -1.28 -6.55
N MET A 60 9.57 -1.29 -6.22
CA MET A 60 10.15 -0.33 -5.27
C MET A 60 11.03 0.68 -6.00
N GLU A 61 10.36 1.51 -6.81
CA GLU A 61 10.92 2.37 -7.87
C GLU A 61 12.26 1.84 -8.39
N TYR A 1 -0.54 2.78 14.96
CA TYR A 1 -1.25 3.52 13.90
C TYR A 1 -1.71 2.53 12.83
N ASN A 2 -2.88 2.74 12.24
CA ASN A 2 -3.47 1.87 11.23
C ASN A 2 -3.48 2.61 9.89
N PRO A 3 -2.85 2.08 8.83
CA PRO A 3 -2.72 2.76 7.54
C PRO A 3 -4.06 3.11 6.88
N GLU A 4 -5.11 2.38 7.23
CA GLU A 4 -6.47 2.62 6.77
C GLU A 4 -7.03 3.99 7.18
N ASP A 5 -6.39 4.75 8.06
CA ASP A 5 -6.83 6.11 8.41
C ASP A 5 -6.61 7.07 7.24
N ASP A 6 -5.52 6.86 6.49
CA ASP A 6 -5.08 7.66 5.34
C ASP A 6 -5.39 6.91 4.03
N TYR A 7 -6.28 5.92 4.09
CA TYR A 7 -6.82 5.24 2.91
C TYR A 7 -7.58 6.25 2.06
N THR A 8 -7.30 6.27 0.75
CA THR A 8 -7.84 7.25 -0.20
C THR A 8 -8.83 6.57 -1.18
N PRO A 9 -10.07 6.24 -0.78
CA PRO A 9 -11.01 5.50 -1.62
C PRO A 9 -11.44 6.23 -2.90
N LEU A 10 -11.35 7.55 -2.97
CA LEU A 10 -11.87 8.27 -4.13
C LEU A 10 -11.09 7.84 -5.37
N THR A 11 -9.77 7.73 -5.23
CA THR A 11 -8.87 7.27 -6.26
C THR A 11 -8.58 5.76 -6.16
N CYS A 12 -8.62 5.15 -4.97
CA CYS A 12 -8.06 3.81 -4.80
C CYS A 12 -8.96 2.72 -5.43
N PRO A 13 -8.49 1.95 -6.44
CA PRO A 13 -9.27 0.90 -7.11
C PRO A 13 -9.47 -0.39 -6.27
N HIS A 14 -9.23 -0.37 -4.95
CA HIS A 14 -9.38 -1.52 -4.05
C HIS A 14 -10.11 -1.06 -2.81
N THR A 15 -10.93 -1.92 -2.24
CA THR A 15 -11.78 -1.65 -1.07
C THR A 15 -10.93 -1.65 0.20
N ILE A 16 -11.46 -1.15 1.31
CA ILE A 16 -10.82 -1.32 2.62
C ILE A 16 -10.82 -2.80 3.06
N SER A 17 -11.60 -3.65 2.38
CA SER A 17 -11.50 -5.10 2.51
C SER A 17 -10.13 -5.57 2.03
N VAL A 18 -9.64 -5.09 0.89
CA VAL A 18 -8.45 -5.64 0.23
C VAL A 18 -7.59 -4.54 -0.35
N VAL A 19 -7.20 -3.57 0.46
CA VAL A 19 -6.26 -2.55 0.03
C VAL A 19 -4.86 -2.83 0.57
N TRP A 20 -4.72 -3.21 1.84
CA TRP A 20 -3.42 -3.46 2.43
C TRP A 20 -2.67 -4.57 1.69
N TYR A 21 -3.10 -5.83 1.81
CA TYR A 21 -2.43 -6.97 1.17
C TYR A 21 -2.23 -6.72 -0.33
N GLU A 22 -3.17 -6.04 -0.98
CA GLU A 22 -3.19 -5.93 -2.42
C GLU A 22 -1.95 -5.16 -2.89
N CYS A 23 -1.52 -4.16 -2.10
CA CYS A 23 -0.41 -3.27 -2.36
C CYS A 23 0.77 -3.53 -1.44
N THR A 24 0.71 -4.52 -0.55
CA THR A 24 1.82 -4.80 0.36
C THR A 24 2.35 -6.22 0.30
N GLU A 25 1.67 -7.12 -0.42
CA GLU A 25 1.89 -8.56 -0.29
C GLU A 25 1.70 -9.26 -1.63
N ASN A 26 0.75 -8.82 -2.46
CA ASN A 26 0.63 -9.27 -3.83
C ASN A 26 1.67 -8.56 -4.69
N THR A 27 2.83 -9.18 -4.88
CA THR A 27 3.99 -8.64 -5.59
C THR A 27 3.69 -8.16 -7.02
N ALA A 28 2.57 -8.57 -7.62
CA ALA A 28 2.13 -8.14 -8.94
C ALA A 28 1.66 -6.68 -8.98
N ASN A 29 1.25 -6.11 -7.84
CA ASN A 29 0.90 -4.69 -7.73
C ASN A 29 1.73 -4.03 -6.65
N CYS A 30 1.96 -4.73 -5.54
CA CYS A 30 2.70 -4.24 -4.39
C CYS A 30 3.97 -3.53 -4.83
N GLY A 31 4.07 -2.28 -4.42
CA GLY A 31 5.13 -1.38 -4.79
C GLY A 31 4.81 0.03 -4.35
N THR A 32 5.77 0.93 -4.50
CA THR A 32 5.65 2.30 -4.03
C THR A 32 4.47 3.02 -4.69
N ALA A 33 4.33 2.91 -6.02
CA ALA A 33 3.23 3.54 -6.75
C ALA A 33 1.89 2.99 -6.26
N CYS A 34 1.83 1.69 -5.97
CA CYS A 34 0.63 1.04 -5.45
C CYS A 34 0.20 1.68 -4.13
N CYS A 35 1.17 1.81 -3.22
CA CYS A 35 0.94 2.38 -1.90
C CYS A 35 0.40 3.79 -2.02
N ASP A 36 1.11 4.68 -2.74
CA ASP A 36 0.74 6.09 -2.83
C ASP A 36 -0.64 6.27 -3.48
N SER A 37 -0.94 5.45 -4.47
CA SER A 37 -2.24 5.42 -5.13
C SER A 37 -3.39 4.98 -4.20
N CYS A 38 -3.14 4.55 -2.95
CA CYS A 38 -4.18 4.14 -2.03
C CYS A 38 -4.00 4.61 -0.59
N PHE A 39 -2.84 5.15 -0.20
CA PHE A 39 -2.52 5.56 1.15
C PHE A 39 -1.59 6.75 1.10
N GLU A 40 -1.88 7.75 1.93
CA GLU A 40 -1.09 8.97 2.06
C GLU A 40 -0.43 9.02 3.44
N LEU A 41 0.43 10.01 3.68
CA LEU A 41 0.92 10.41 5.00
C LEU A 41 1.48 9.20 5.79
N THR A 42 1.04 8.98 7.03
CA THR A 42 1.53 7.88 7.85
C THR A 42 1.18 6.53 7.20
N GLY A 43 0.00 6.44 6.57
CA GLY A 43 -0.49 5.24 5.91
C GLY A 43 0.43 4.85 4.76
N ASN A 44 0.85 5.85 3.97
CA ASN A 44 1.80 5.69 2.89
C ASN A 44 3.06 5.06 3.45
N THR A 45 3.63 5.71 4.45
CA THR A 45 4.87 5.32 5.10
C THR A 45 4.81 3.88 5.64
N MET A 46 3.68 3.42 6.21
CA MET A 46 3.49 2.04 6.63
C MET A 46 3.37 1.08 5.44
N CYS A 47 2.58 1.43 4.42
CA CYS A 47 2.42 0.59 3.23
C CYS A 47 3.78 0.37 2.57
N LEU A 48 4.54 1.46 2.38
CA LEU A 48 5.90 1.43 1.87
C LEU A 48 6.76 0.51 2.73
N LEU A 49 6.68 0.64 4.06
CA LEU A 49 7.39 -0.24 4.99
C LEU A 49 7.12 -1.72 4.71
N GLN A 50 5.86 -2.10 4.51
CA GLN A 50 5.48 -3.49 4.37
C GLN A 50 5.89 -4.02 2.99
N ALA A 51 5.56 -3.28 1.93
CA ALA A 51 5.91 -3.63 0.56
C ALA A 51 7.43 -3.79 0.42
N GLY A 52 8.17 -2.77 0.84
CA GLY A 52 9.61 -2.65 0.70
C GLY A 52 10.40 -3.26 1.84
N ALA A 53 9.80 -4.13 2.68
CA ALA A 53 10.38 -4.65 3.92
C ALA A 53 11.86 -5.00 3.80
N ALA A 54 12.20 -6.02 2.99
CA ALA A 54 13.56 -6.26 2.51
C ALA A 54 13.49 -7.26 1.35
N GLY A 55 13.33 -6.76 0.13
CA GLY A 55 13.47 -7.49 -1.12
C GLY A 55 12.68 -8.80 -1.15
N SER A 56 11.42 -8.76 -0.71
CA SER A 56 10.50 -9.89 -0.85
C SER A 56 10.22 -10.09 -2.34
N GLY A 57 9.82 -9.01 -3.05
CA GLY A 57 9.53 -9.05 -4.47
C GLY A 57 8.64 -7.92 -4.97
N CYS A 58 8.37 -6.89 -4.17
CA CYS A 58 7.65 -5.70 -4.61
C CYS A 58 8.61 -4.70 -5.27
N ASP A 59 8.08 -3.75 -6.03
CA ASP A 59 8.90 -2.75 -6.75
C ASP A 59 8.90 -1.46 -5.93
N MET A 60 10.07 -1.03 -5.46
CA MET A 60 10.18 0.01 -4.45
C MET A 60 10.00 1.44 -4.99
N GLU A 61 9.39 1.63 -6.16
CA GLU A 61 9.22 2.85 -6.96
C GLU A 61 8.77 2.46 -8.36
N TYR A 1 -2.61 3.44 15.05
CA TYR A 1 -2.47 4.10 13.75
C TYR A 1 -3.44 3.50 12.73
N ASN A 2 -3.16 2.28 12.27
CA ASN A 2 -3.72 1.63 11.07
C ASN A 2 -3.53 2.45 9.78
N PRO A 3 -2.82 1.94 8.77
CA PRO A 3 -2.72 2.58 7.48
C PRO A 3 -4.10 2.89 6.85
N GLU A 4 -5.15 2.16 7.24
CA GLU A 4 -6.50 2.41 6.78
C GLU A 4 -7.03 3.80 7.15
N ASP A 5 -6.46 4.50 8.13
CA ASP A 5 -6.78 5.92 8.37
C ASP A 5 -6.61 6.77 7.10
N ASP A 6 -5.61 6.46 6.29
CA ASP A 6 -5.14 7.28 5.16
C ASP A 6 -5.49 6.60 3.84
N TYR A 7 -6.33 5.58 3.89
CA TYR A 7 -6.89 4.89 2.74
C TYR A 7 -7.64 5.90 1.87
N THR A 8 -7.34 5.93 0.58
CA THR A 8 -7.84 6.93 -0.36
C THR A 8 -8.75 6.28 -1.42
N PRO A 9 -10.02 5.95 -1.13
CA PRO A 9 -10.87 5.25 -2.09
C PRO A 9 -11.20 6.08 -3.33
N LEU A 10 -10.99 7.40 -3.28
CA LEU A 10 -11.18 8.32 -4.40
C LEU A 10 -10.27 7.98 -5.59
N THR A 11 -9.17 7.29 -5.34
CA THR A 11 -8.16 6.96 -6.32
C THR A 11 -7.72 5.48 -6.21
N CYS A 12 -8.05 4.76 -5.12
CA CYS A 12 -7.57 3.41 -4.89
C CYS A 12 -8.46 2.36 -5.57
N PRO A 13 -7.95 1.51 -6.48
CA PRO A 13 -8.73 0.46 -7.13
C PRO A 13 -9.19 -0.70 -6.23
N HIS A 14 -8.91 -0.74 -4.93
CA HIS A 14 -9.15 -1.91 -4.06
C HIS A 14 -9.95 -1.44 -2.84
N THR A 15 -10.85 -2.27 -2.31
CA THR A 15 -11.70 -1.88 -1.20
C THR A 15 -10.91 -1.91 0.11
N ILE A 16 -11.43 -1.27 1.17
CA ILE A 16 -10.81 -1.33 2.50
C ILE A 16 -10.81 -2.78 3.06
N SER A 17 -11.59 -3.68 2.45
CA SER A 17 -11.59 -5.09 2.78
C SER A 17 -10.22 -5.70 2.46
N VAL A 18 -9.64 -5.35 1.31
CA VAL A 18 -8.47 -6.01 0.74
C VAL A 18 -7.59 -4.94 0.10
N VAL A 19 -7.27 -3.88 0.83
CA VAL A 19 -6.28 -2.92 0.35
C VAL A 19 -4.92 -3.21 0.98
N TRP A 20 -4.83 -3.50 2.29
CA TRP A 20 -3.53 -3.69 2.93
C TRP A 20 -2.72 -4.81 2.30
N TYR A 21 -3.20 -6.07 2.37
CA TYR A 21 -2.55 -7.21 1.72
C TYR A 21 -2.19 -6.86 0.29
N GLU A 22 -3.15 -6.27 -0.42
CA GLU A 22 -3.09 -6.15 -1.84
C GLU A 22 -1.88 -5.23 -2.15
N CYS A 23 -1.70 -4.14 -1.41
CA CYS A 23 -0.75 -3.10 -1.76
C CYS A 23 0.60 -3.37 -1.11
N THR A 24 0.70 -4.47 -0.36
CA THR A 24 1.88 -4.80 0.37
C THR A 24 2.31 -6.25 0.13
N GLU A 25 1.70 -6.96 -0.83
CA GLU A 25 1.93 -8.39 -1.01
C GLU A 25 1.44 -8.95 -2.36
N ASN A 26 0.39 -8.35 -2.93
CA ASN A 26 -0.09 -8.71 -4.27
C ASN A 26 0.82 -8.08 -5.32
N THR A 27 1.94 -8.76 -5.62
CA THR A 27 2.97 -8.29 -6.55
C THR A 27 2.41 -7.92 -7.93
N ALA A 28 1.24 -8.42 -8.31
CA ALA A 28 0.49 -8.04 -9.51
C ALA A 28 0.24 -6.54 -9.62
N ASN A 29 0.37 -5.77 -8.53
CA ASN A 29 0.47 -4.30 -8.64
C ASN A 29 1.23 -3.63 -7.49
N CYS A 30 1.55 -4.30 -6.39
CA CYS A 30 2.08 -3.64 -5.20
C CYS A 30 3.51 -3.10 -5.40
N GLY A 31 3.87 -2.12 -4.57
CA GLY A 31 5.11 -1.36 -4.66
C GLY A 31 4.86 0.10 -4.31
N THR A 32 5.87 0.95 -4.48
CA THR A 32 5.83 2.36 -4.10
C THR A 32 4.64 3.08 -4.72
N ALA A 33 4.44 2.93 -6.04
CA ALA A 33 3.34 3.59 -6.73
C ALA A 33 1.99 3.03 -6.27
N CYS A 34 1.91 1.74 -5.90
CA CYS A 34 0.69 1.23 -5.29
C CYS A 34 0.40 2.00 -4.01
N CYS A 35 1.40 2.10 -3.12
CA CYS A 35 1.24 2.76 -1.84
C CYS A 35 0.72 4.18 -2.06
N ASP A 36 1.39 4.98 -2.87
CA ASP A 36 0.96 6.35 -3.14
C ASP A 36 -0.42 6.41 -3.82
N SER A 37 -0.80 5.40 -4.61
CA SER A 37 -2.10 5.28 -5.22
C SER A 37 -3.18 4.67 -4.31
N CYS A 38 -2.92 4.34 -3.03
CA CYS A 38 -3.95 3.86 -2.12
C CYS A 38 -3.84 4.40 -0.70
N PHE A 39 -2.76 5.10 -0.36
CA PHE A 39 -2.45 5.50 0.99
C PHE A 39 -1.63 6.78 0.96
N GLU A 40 -1.97 7.70 1.87
CA GLU A 40 -1.26 8.96 2.06
C GLU A 40 -0.67 8.97 3.46
N LEU A 41 -0.04 10.08 3.78
CA LEU A 41 0.34 10.58 5.10
C LEU A 41 1.34 9.64 5.77
N THR A 42 1.22 9.50 7.08
CA THR A 42 1.93 8.45 7.80
C THR A 42 1.50 7.04 7.36
N GLY A 43 0.29 6.89 6.82
CA GLY A 43 -0.21 5.71 6.13
C GLY A 43 0.72 5.24 5.04
N ASN A 44 1.07 6.15 4.13
CA ASN A 44 1.95 5.93 3.00
C ASN A 44 3.26 5.37 3.51
N THR A 45 3.79 5.97 4.58
CA THR A 45 4.99 5.52 5.24
C THR A 45 4.83 4.07 5.74
N MET A 46 3.70 3.73 6.39
CA MET A 46 3.45 2.36 6.83
C MET A 46 3.36 1.39 5.66
N CYS A 47 2.71 1.77 4.55
CA CYS A 47 2.62 0.93 3.36
C CYS A 47 4.01 0.65 2.81
N LEU A 48 4.82 1.70 2.60
CA LEU A 48 6.17 1.58 2.09
C LEU A 48 7.02 0.67 2.98
N LEU A 49 6.91 0.83 4.30
CA LEU A 49 7.54 -0.03 5.29
C LEU A 49 7.21 -1.50 5.00
N GLN A 50 5.92 -1.84 4.86
CA GLN A 50 5.50 -3.22 4.68
C GLN A 50 5.88 -3.74 3.30
N ALA A 51 5.60 -3.01 2.22
CA ALA A 51 6.04 -3.36 0.87
C ALA A 51 7.57 -3.51 0.77
N GLY A 52 8.33 -2.99 1.74
CA GLY A 52 9.77 -3.12 1.88
C GLY A 52 10.23 -4.15 2.92
N ALA A 53 9.32 -4.90 3.55
CA ALA A 53 9.58 -5.83 4.64
C ALA A 53 9.50 -7.25 4.10
N ALA A 54 10.67 -7.85 3.89
CA ALA A 54 10.93 -9.24 3.58
C ALA A 54 9.92 -10.15 4.27
N GLY A 55 9.03 -10.68 3.46
CA GLY A 55 7.80 -11.36 3.85
C GLY A 55 6.71 -10.95 2.88
N SER A 56 6.66 -9.66 2.54
CA SER A 56 5.82 -9.08 1.51
C SER A 56 6.23 -9.54 0.10
N GLY A 57 7.10 -8.80 -0.59
CA GLY A 57 7.30 -8.96 -2.03
C GLY A 57 6.48 -7.87 -2.73
N CYS A 58 7.13 -6.80 -3.18
CA CYS A 58 6.54 -5.72 -3.98
C CYS A 58 7.60 -5.04 -4.85
N ASP A 59 7.17 -4.17 -5.77
CA ASP A 59 8.02 -3.46 -6.72
C ASP A 59 8.43 -2.10 -6.12
N MET A 60 9.49 -2.11 -5.33
CA MET A 60 10.01 -0.92 -4.67
C MET A 60 10.61 0.02 -5.71
N GLU A 61 10.20 1.30 -5.68
CA GLU A 61 10.74 2.39 -6.46
C GLU A 61 10.93 3.57 -5.51
N TYR A 1 -2.06 2.43 15.13
CA TYR A 1 -2.28 3.51 14.15
C TYR A 1 -3.25 3.04 13.07
N ASN A 2 -2.89 2.02 12.29
CA ASN A 2 -3.60 1.47 11.12
C ASN A 2 -3.42 2.40 9.92
N PRO A 3 -2.78 1.97 8.83
CA PRO A 3 -2.61 2.82 7.64
C PRO A 3 -3.96 3.18 6.98
N GLU A 4 -5.00 2.40 7.25
CA GLU A 4 -6.37 2.69 6.84
C GLU A 4 -6.91 3.99 7.46
N ASP A 5 -6.28 4.55 8.50
CA ASP A 5 -6.58 5.93 8.94
C ASP A 5 -6.34 6.96 7.81
N ASP A 6 -5.56 6.62 6.78
CA ASP A 6 -5.13 7.49 5.67
C ASP A 6 -5.41 6.85 4.30
N TYR A 7 -6.33 5.87 4.23
CA TYR A 7 -6.78 5.22 3.00
C TYR A 7 -7.47 6.23 2.09
N THR A 8 -7.19 6.19 0.78
CA THR A 8 -7.72 7.13 -0.20
C THR A 8 -8.57 6.41 -1.27
N PRO A 9 -9.86 6.16 -1.00
CA PRO A 9 -10.69 5.40 -1.91
C PRO A 9 -10.94 6.10 -3.25
N LEU A 10 -10.79 7.43 -3.34
CA LEU A 10 -11.12 8.23 -4.51
C LEU A 10 -10.25 7.96 -5.74
N THR A 11 -9.13 7.27 -5.57
CA THR A 11 -8.34 6.78 -6.70
C THR A 11 -7.91 5.32 -6.54
N CYS A 12 -8.12 4.68 -5.39
CA CYS A 12 -7.51 3.38 -5.13
C CYS A 12 -8.19 2.29 -5.96
N PRO A 13 -7.45 1.54 -6.80
CA PRO A 13 -7.99 0.41 -7.58
C PRO A 13 -8.38 -0.82 -6.72
N HIS A 14 -8.51 -0.68 -5.39
CA HIS A 14 -8.79 -1.75 -4.45
C HIS A 14 -9.65 -1.22 -3.30
N THR A 15 -10.38 -2.09 -2.61
CA THR A 15 -11.31 -1.68 -1.58
C THR A 15 -10.67 -1.87 -0.21
N ILE A 16 -11.20 -1.22 0.83
CA ILE A 16 -10.67 -1.37 2.17
C ILE A 16 -10.76 -2.78 2.75
N SER A 17 -11.42 -3.68 2.03
CA SER A 17 -11.39 -5.09 2.32
C SER A 17 -9.94 -5.57 2.31
N VAL A 18 -9.24 -5.38 1.19
CA VAL A 18 -7.94 -6.03 1.01
C VAL A 18 -6.80 -5.05 0.73
N VAL A 19 -7.06 -3.74 0.73
CA VAL A 19 -6.17 -2.73 0.14
C VAL A 19 -4.78 -2.81 0.76
N TRP A 20 -4.68 -3.13 2.05
CA TRP A 20 -3.40 -3.38 2.69
C TRP A 20 -2.71 -4.56 2.00
N TYR A 21 -3.26 -5.78 2.11
CA TYR A 21 -2.78 -6.99 1.42
C TYR A 21 -2.38 -6.67 -0.02
N GLU A 22 -3.30 -6.15 -0.82
CA GLU A 22 -3.11 -5.99 -2.22
C GLU A 22 -2.07 -4.92 -2.57
N CYS A 23 -1.72 -3.98 -1.67
CA CYS A 23 -0.64 -3.02 -1.85
C CYS A 23 0.66 -3.50 -1.23
N THR A 24 0.68 -4.58 -0.44
CA THR A 24 1.86 -4.93 0.37
C THR A 24 2.34 -6.37 0.18
N GLU A 25 1.55 -7.22 -0.48
CA GLU A 25 1.78 -8.65 -0.56
C GLU A 25 1.54 -9.19 -1.96
N ASN A 26 0.46 -8.77 -2.62
CA ASN A 26 0.17 -9.19 -3.99
C ASN A 26 1.15 -8.54 -4.97
N THR A 27 2.24 -9.22 -5.30
CA THR A 27 3.32 -8.71 -6.15
C THR A 27 2.88 -8.22 -7.52
N ALA A 28 1.71 -8.59 -8.05
CA ALA A 28 1.26 -8.09 -9.34
C ALA A 28 1.01 -6.57 -9.31
N ASN A 29 0.74 -5.99 -8.13
CA ASN A 29 0.52 -4.55 -8.01
C ASN A 29 1.10 -3.93 -6.74
N CYS A 30 1.52 -4.70 -5.74
CA CYS A 30 2.01 -4.14 -4.49
C CYS A 30 3.24 -3.28 -4.74
N GLY A 31 3.43 -2.24 -3.93
CA GLY A 31 4.56 -1.34 -4.09
C GLY A 31 4.23 0.12 -3.87
N THR A 32 5.26 0.96 -4.03
CA THR A 32 5.23 2.39 -3.75
C THR A 32 4.12 3.06 -4.57
N ALA A 33 4.01 2.75 -5.85
CA ALA A 33 2.99 3.31 -6.72
C ALA A 33 1.58 2.92 -6.27
N CYS A 34 1.38 1.70 -5.74
CA CYS A 34 0.10 1.32 -5.15
C CYS A 34 -0.16 2.15 -3.90
N CYS A 35 0.83 2.19 -3.00
CA CYS A 35 0.73 2.92 -1.75
C CYS A 35 0.34 4.37 -2.05
N ASP A 36 1.01 5.02 -2.99
CA ASP A 36 0.83 6.41 -3.38
C ASP A 36 -0.54 6.71 -4.01
N SER A 37 -1.33 5.69 -4.35
CA SER A 37 -2.70 5.83 -4.85
C SER A 37 -3.74 5.15 -3.97
N CYS A 38 -3.38 4.63 -2.80
CA CYS A 38 -4.32 4.01 -1.88
C CYS A 38 -4.13 4.47 -0.44
N PHE A 39 -3.03 5.14 -0.10
CA PHE A 39 -2.68 5.54 1.25
C PHE A 39 -1.85 6.83 1.18
N GLU A 40 -1.94 7.68 2.20
CA GLU A 40 -1.17 8.92 2.26
C GLU A 40 -0.42 9.01 3.58
N LEU A 41 0.52 9.95 3.64
CA LEU A 41 1.20 10.42 4.83
C LEU A 41 1.77 9.25 5.66
N THR A 42 1.34 9.09 6.91
CA THR A 42 1.85 8.02 7.77
C THR A 42 1.38 6.64 7.26
N GLY A 43 0.22 6.57 6.61
CA GLY A 43 -0.36 5.33 6.10
C GLY A 43 0.39 4.90 4.87
N ASN A 44 0.72 5.86 4.01
CA ASN A 44 1.61 5.68 2.88
C ASN A 44 2.92 5.13 3.39
N THR A 45 3.54 5.81 4.35
CA THR A 45 4.83 5.40 4.88
C THR A 45 4.76 4.00 5.49
N MET A 46 3.69 3.61 6.22
CA MET A 46 3.56 2.22 6.67
C MET A 46 3.44 1.26 5.48
N CYS A 47 2.66 1.61 4.45
CA CYS A 47 2.51 0.83 3.24
C CYS A 47 3.88 0.59 2.58
N LEU A 48 4.67 1.65 2.43
CA LEU A 48 6.04 1.58 1.94
C LEU A 48 6.87 0.66 2.82
N LEU A 49 6.78 0.82 4.14
CA LEU A 49 7.47 -0.04 5.11
C LEU A 49 7.14 -1.52 4.92
N GLN A 50 5.89 -1.89 4.60
CA GLN A 50 5.47 -3.28 4.45
C GLN A 50 5.85 -3.81 3.06
N ALA A 51 5.46 -3.11 1.99
CA ALA A 51 5.76 -3.50 0.62
C ALA A 51 7.28 -3.60 0.42
N GLY A 52 8.02 -2.58 0.87
CA GLY A 52 9.46 -2.49 0.77
C GLY A 52 10.21 -3.17 1.93
N ALA A 53 9.52 -3.95 2.77
CA ALA A 53 10.14 -4.75 3.83
C ALA A 53 11.17 -5.74 3.26
N ALA A 54 11.03 -6.08 1.98
CA ALA A 54 11.68 -7.14 1.22
C ALA A 54 11.36 -8.52 1.79
N GLY A 55 11.02 -9.44 0.89
CA GLY A 55 10.47 -10.74 1.22
C GLY A 55 9.30 -10.99 0.30
N SER A 56 8.29 -10.11 0.35
CA SER A 56 7.07 -10.29 -0.40
C SER A 56 7.34 -10.18 -1.91
N GLY A 57 7.98 -9.11 -2.39
CA GLY A 57 8.43 -8.99 -3.78
C GLY A 57 7.87 -7.80 -4.54
N CYS A 58 7.47 -6.74 -3.86
CA CYS A 58 6.77 -5.62 -4.48
C CYS A 58 7.65 -4.80 -5.44
N ASP A 59 7.00 -4.00 -6.27
CA ASP A 59 7.58 -2.90 -7.04
C ASP A 59 7.89 -1.73 -6.09
N MET A 60 8.94 -0.95 -6.36
CA MET A 60 9.35 0.20 -5.57
C MET A 60 9.90 1.26 -6.53
N GLU A 61 9.46 2.50 -6.41
CA GLU A 61 9.97 3.67 -7.14
C GLU A 61 10.28 4.78 -6.16
N TYR A 1 -0.06 2.74 14.04
CA TYR A 1 -0.87 3.58 13.16
C TYR A 1 -1.52 2.72 12.10
N ASN A 2 -2.84 2.62 12.07
CA ASN A 2 -3.54 1.86 11.05
C ASN A 2 -3.47 2.67 9.74
N PRO A 3 -2.83 2.16 8.67
CA PRO A 3 -2.75 2.85 7.38
C PRO A 3 -4.10 3.31 6.84
N GLU A 4 -5.14 2.57 7.21
CA GLU A 4 -6.54 2.73 6.86
C GLU A 4 -7.12 4.10 7.27
N ASP A 5 -6.38 4.93 8.02
CA ASP A 5 -6.75 6.31 8.31
C ASP A 5 -6.44 7.26 7.15
N ASP A 6 -5.41 6.97 6.35
CA ASP A 6 -5.03 7.75 5.16
C ASP A 6 -5.46 6.99 3.89
N TYR A 7 -6.36 6.00 4.01
CA TYR A 7 -6.89 5.25 2.88
C TYR A 7 -7.66 6.19 1.96
N THR A 8 -7.34 6.21 0.66
CA THR A 8 -7.91 7.15 -0.31
C THR A 8 -8.70 6.41 -1.40
N PRO A 9 -9.92 5.90 -1.13
CA PRO A 9 -10.72 5.14 -2.09
C PRO A 9 -11.16 5.97 -3.30
N LEU A 10 -11.18 7.29 -3.15
CA LEU A 10 -11.38 8.26 -4.22
C LEU A 10 -10.40 8.06 -5.37
N THR A 11 -9.26 7.42 -5.13
CA THR A 11 -8.34 6.97 -6.18
C THR A 11 -8.19 5.44 -6.15
N CYS A 12 -8.18 4.79 -4.97
CA CYS A 12 -7.80 3.40 -4.80
C CYS A 12 -8.83 2.42 -5.38
N PRO A 13 -8.52 1.66 -6.45
CA PRO A 13 -9.41 0.62 -7.01
C PRO A 13 -9.69 -0.58 -6.09
N HIS A 14 -9.27 -0.58 -4.82
CA HIS A 14 -9.28 -1.75 -3.94
C HIS A 14 -9.90 -1.37 -2.60
N THR A 15 -10.71 -2.26 -2.03
CA THR A 15 -11.54 -2.00 -0.85
C THR A 15 -10.70 -1.91 0.41
N ILE A 16 -11.24 -1.37 1.50
CA ILE A 16 -10.52 -1.31 2.76
C ILE A 16 -10.17 -2.71 3.28
N SER A 17 -10.93 -3.74 2.87
CA SER A 17 -10.64 -5.14 3.18
C SER A 17 -9.47 -5.68 2.35
N VAL A 18 -9.28 -5.24 1.11
CA VAL A 18 -8.28 -5.84 0.22
C VAL A 18 -7.46 -4.72 -0.39
N VAL A 19 -7.08 -3.72 0.39
CA VAL A 19 -6.13 -2.71 -0.06
C VAL A 19 -4.77 -3.09 0.51
N TRP A 20 -4.69 -3.36 1.82
CA TRP A 20 -3.43 -3.61 2.49
C TRP A 20 -2.69 -4.77 1.83
N TYR A 21 -3.23 -6.00 1.92
CA TYR A 21 -2.70 -7.18 1.25
C TYR A 21 -2.30 -6.87 -0.19
N GLU A 22 -3.19 -6.20 -0.90
CA GLU A 22 -3.13 -6.04 -2.34
C GLU A 22 -1.93 -5.14 -2.67
N CYS A 23 -1.53 -4.26 -1.76
CA CYS A 23 -0.50 -3.24 -1.94
C CYS A 23 0.75 -3.60 -1.15
N THR A 24 0.77 -4.75 -0.44
CA THR A 24 1.86 -5.11 0.46
C THR A 24 2.28 -6.59 0.37
N GLU A 25 1.56 -7.41 -0.39
CA GLU A 25 1.78 -8.85 -0.54
C GLU A 25 1.74 -9.19 -2.03
N ASN A 26 0.67 -8.75 -2.71
CA ASN A 26 0.40 -9.03 -4.11
C ASN A 26 1.39 -8.31 -5.02
N THR A 27 2.48 -8.98 -5.38
CA THR A 27 3.56 -8.42 -6.18
C THR A 27 3.18 -8.13 -7.63
N ALA A 28 1.95 -8.45 -8.07
CA ALA A 28 1.44 -7.95 -9.33
C ALA A 28 1.43 -6.42 -9.37
N ASN A 29 1.21 -5.73 -8.24
CA ASN A 29 1.15 -4.26 -8.17
C ASN A 29 1.95 -3.65 -7.01
N CYS A 30 2.20 -4.40 -5.92
CA CYS A 30 2.57 -3.77 -4.66
C CYS A 30 3.89 -3.01 -4.78
N GLY A 31 3.97 -1.87 -4.10
CA GLY A 31 5.13 -0.99 -4.14
C GLY A 31 4.69 0.42 -3.74
N THR A 32 5.67 1.32 -3.64
CA THR A 32 5.48 2.69 -3.18
C THR A 32 4.41 3.44 -3.98
N ALA A 33 4.39 3.24 -5.30
CA ALA A 33 3.44 3.88 -6.22
C ALA A 33 2.01 3.41 -5.95
N CYS A 34 1.78 2.09 -5.85
CA CYS A 34 0.49 1.57 -5.39
C CYS A 34 0.10 2.24 -4.08
N CYS A 35 1.05 2.28 -3.16
CA CYS A 35 0.82 2.84 -1.85
C CYS A 35 0.42 4.31 -1.95
N ASP A 36 1.01 5.12 -2.83
CA ASP A 36 0.67 6.56 -3.00
C ASP A 36 -0.67 6.75 -3.71
N SER A 37 -1.14 5.72 -4.40
CA SER A 37 -2.42 5.62 -5.08
C SER A 37 -3.50 4.94 -4.22
N CYS A 38 -3.24 4.60 -2.95
CA CYS A 38 -4.23 4.01 -2.06
C CYS A 38 -4.15 4.49 -0.63
N PHE A 39 -3.03 5.09 -0.25
CA PHE A 39 -2.73 5.60 1.06
C PHE A 39 -1.99 6.92 0.84
N GLU A 40 -1.94 7.75 1.87
CA GLU A 40 -1.16 8.97 1.84
C GLU A 40 -0.36 9.08 3.13
N LEU A 41 0.60 10.01 3.16
CA LEU A 41 1.21 10.53 4.37
C LEU A 41 1.75 9.41 5.28
N THR A 42 1.24 9.28 6.50
CA THR A 42 1.70 8.26 7.44
C THR A 42 1.32 6.88 6.92
N GLY A 43 0.06 6.68 6.50
CA GLY A 43 -0.41 5.39 5.99
C GLY A 43 0.36 4.95 4.76
N ASN A 44 0.82 5.91 3.95
CA ASN A 44 1.65 5.67 2.78
C ASN A 44 2.91 4.99 3.27
N THR A 45 3.71 5.63 4.11
CA THR A 45 4.92 5.00 4.62
C THR A 45 4.64 3.64 5.31
N MET A 46 3.53 3.51 6.06
CA MET A 46 3.23 2.24 6.70
C MET A 46 3.09 1.11 5.66
N CYS A 47 2.45 1.40 4.53
CA CYS A 47 2.40 0.54 3.35
C CYS A 47 3.80 0.20 2.89
N LEU A 48 4.61 1.20 2.52
CA LEU A 48 5.98 1.09 2.11
C LEU A 48 6.80 0.15 3.00
N LEU A 49 6.65 0.25 4.32
CA LEU A 49 7.37 -0.66 5.22
C LEU A 49 7.03 -2.15 4.97
N GLN A 50 5.74 -2.48 4.85
CA GLN A 50 5.30 -3.87 4.72
C GLN A 50 5.45 -4.38 3.30
N ALA A 51 5.19 -3.52 2.31
CA ALA A 51 5.45 -3.78 0.91
C ALA A 51 6.94 -4.04 0.73
N GLY A 52 7.75 -3.01 0.93
CA GLY A 52 9.16 -2.98 0.56
C GLY A 52 10.09 -3.76 1.47
N ALA A 53 9.60 -4.39 2.55
CA ALA A 53 10.02 -5.69 3.07
C ALA A 53 11.44 -6.12 2.66
N ALA A 54 12.40 -5.59 3.42
CA ALA A 54 13.85 -5.75 3.26
C ALA A 54 14.38 -5.78 1.82
N GLY A 55 13.75 -5.01 0.95
CA GLY A 55 13.94 -4.97 -0.50
C GLY A 55 13.95 -6.35 -1.11
N SER A 56 12.76 -6.94 -1.30
CA SER A 56 12.55 -8.17 -2.02
C SER A 56 11.44 -8.05 -3.09
N GLY A 57 10.18 -8.35 -2.78
CA GLY A 57 9.14 -8.62 -3.78
C GLY A 57 8.58 -7.34 -4.42
N CYS A 58 7.88 -6.53 -3.61
CA CYS A 58 7.40 -5.20 -3.95
C CYS A 58 8.62 -4.27 -4.13
N ASP A 59 8.40 -3.05 -4.64
CA ASP A 59 9.48 -2.14 -5.03
C ASP A 59 9.25 -0.73 -4.48
N MET A 60 10.32 0.06 -4.44
CA MET A 60 10.37 1.38 -3.82
C MET A 60 10.97 2.40 -4.78
N GLU A 61 10.39 3.60 -4.80
CA GLU A 61 10.72 4.65 -5.76
C GLU A 61 12.16 5.14 -5.59
N TYR A 1 -1.25 3.07 14.96
CA TYR A 1 -1.93 3.76 13.86
C TYR A 1 -2.32 2.73 12.80
N ASN A 2 -3.61 2.70 12.44
CA ASN A 2 -4.10 1.92 11.31
C ASN A 2 -3.91 2.78 10.03
N PRO A 3 -3.25 2.29 8.95
CA PRO A 3 -3.24 2.97 7.64
C PRO A 3 -4.61 3.02 6.91
N GLU A 4 -5.53 2.13 7.20
CA GLU A 4 -6.93 2.11 6.79
C GLU A 4 -7.69 3.40 7.23
N ASP A 5 -7.06 4.32 7.97
CA ASP A 5 -7.59 5.65 8.32
C ASP A 5 -7.14 6.72 7.32
N ASP A 6 -6.07 6.49 6.55
CA ASP A 6 -5.57 7.32 5.43
C ASP A 6 -5.84 6.67 4.09
N TYR A 7 -6.53 5.53 4.08
CA TYR A 7 -7.08 4.88 2.91
C TYR A 7 -7.78 5.94 2.09
N THR A 8 -7.30 6.20 0.88
CA THR A 8 -7.85 7.20 -0.02
C THR A 8 -8.63 6.48 -1.13
N PRO A 9 -9.95 6.24 -0.98
CA PRO A 9 -10.72 5.53 -2.00
C PRO A 9 -10.82 6.31 -3.32
N LEU A 10 -10.44 7.59 -3.35
CA LEU A 10 -10.69 8.45 -4.49
C LEU A 10 -10.08 7.87 -5.75
N THR A 11 -8.85 7.37 -5.70
CA THR A 11 -8.23 6.75 -6.84
C THR A 11 -7.90 5.27 -6.59
N CYS A 12 -8.04 4.78 -5.35
CA CYS A 12 -7.54 3.46 -4.97
C CYS A 12 -8.39 2.34 -5.62
N PRO A 13 -7.82 1.50 -6.50
CA PRO A 13 -8.55 0.42 -7.16
C PRO A 13 -8.88 -0.77 -6.22
N HIS A 14 -8.78 -0.61 -4.90
CA HIS A 14 -8.85 -1.71 -3.94
C HIS A 14 -9.77 -1.33 -2.80
N THR A 15 -10.63 -2.25 -2.43
CA THR A 15 -11.59 -2.03 -1.35
C THR A 15 -10.87 -2.16 -0.02
N ILE A 16 -11.38 -1.53 1.04
CA ILE A 16 -10.71 -1.47 2.33
C ILE A 16 -10.56 -2.87 2.98
N SER A 17 -11.40 -3.81 2.56
CA SER A 17 -11.34 -5.20 2.95
C SER A 17 -10.06 -5.87 2.48
N VAL A 18 -9.54 -5.47 1.30
CA VAL A 18 -8.33 -6.03 0.72
C VAL A 18 -7.56 -4.90 0.03
N VAL A 19 -6.99 -4.04 0.83
CA VAL A 19 -6.08 -3.01 0.33
C VAL A 19 -4.68 -3.27 0.87
N TRP A 20 -4.50 -3.47 2.18
CA TRP A 20 -3.17 -3.63 2.78
C TRP A 20 -2.43 -4.79 2.13
N TYR A 21 -2.97 -6.01 2.24
CA TYR A 21 -2.44 -7.21 1.57
C TYR A 21 -2.17 -6.91 0.09
N GLU A 22 -3.13 -6.29 -0.58
CA GLU A 22 -3.13 -6.23 -2.03
C GLU A 22 -1.91 -5.35 -2.42
N CYS A 23 -1.58 -4.35 -1.61
CA CYS A 23 -0.64 -3.29 -1.88
C CYS A 23 0.74 -3.62 -1.32
N THR A 24 0.86 -4.73 -0.57
CA THR A 24 2.08 -5.09 0.13
C THR A 24 2.46 -6.57 -0.09
N GLU A 25 1.67 -7.35 -0.83
CA GLU A 25 1.73 -8.81 -0.88
C GLU A 25 1.33 -9.36 -2.25
N ASN A 26 0.35 -8.75 -2.92
CA ASN A 26 0.02 -9.14 -4.28
C ASN A 26 1.07 -8.59 -5.23
N THR A 27 2.02 -9.44 -5.60
CA THR A 27 3.12 -9.19 -6.52
C THR A 27 2.66 -8.45 -7.78
N ALA A 28 1.46 -8.76 -8.30
CA ALA A 28 0.92 -8.17 -9.51
C ALA A 28 0.63 -6.67 -9.40
N ASN A 29 0.62 -6.08 -8.20
CA ASN A 29 0.19 -4.70 -7.98
C ASN A 29 1.07 -3.97 -6.97
N CYS A 30 1.58 -4.66 -5.96
CA CYS A 30 2.19 -4.03 -4.80
C CYS A 30 3.49 -3.30 -5.19
N GLY A 31 3.78 -2.19 -4.50
CA GLY A 31 4.94 -1.37 -4.77
C GLY A 31 4.71 0.08 -4.38
N THR A 32 5.73 0.91 -4.58
CA THR A 32 5.73 2.31 -4.13
C THR A 32 4.48 3.03 -4.67
N ALA A 33 4.21 2.93 -5.97
CA ALA A 33 3.08 3.62 -6.61
C ALA A 33 1.72 3.12 -6.12
N CYS A 34 1.60 1.86 -5.66
CA CYS A 34 0.36 1.39 -5.07
C CYS A 34 0.06 2.17 -3.81
N CYS A 35 1.04 2.25 -2.90
CA CYS A 35 0.89 3.00 -1.66
C CYS A 35 0.58 4.46 -2.02
N ASP A 36 1.35 5.04 -2.95
CA ASP A 36 1.24 6.42 -3.45
C ASP A 36 -0.02 6.67 -4.30
N SER A 37 -0.97 5.73 -4.32
CA SER A 37 -2.29 5.87 -4.92
C SER A 37 -3.42 5.34 -4.00
N CYS A 38 -3.11 4.92 -2.77
CA CYS A 38 -4.09 4.40 -1.83
C CYS A 38 -3.90 4.92 -0.40
N PHE A 39 -2.73 5.44 -0.04
CA PHE A 39 -2.39 5.81 1.33
C PHE A 39 -1.53 7.07 1.32
N GLU A 40 -1.66 7.90 2.35
CA GLU A 40 -1.07 9.21 2.46
C GLU A 40 -0.47 9.44 3.84
N LEU A 41 0.38 10.45 3.93
CA LEU A 41 1.03 10.92 5.14
C LEU A 41 1.75 9.73 5.79
N THR A 42 1.69 9.60 7.12
CA THR A 42 2.31 8.45 7.76
C THR A 42 1.73 7.11 7.27
N GLY A 43 0.49 7.09 6.77
CA GLY A 43 -0.08 6.00 6.04
C GLY A 43 0.79 5.45 4.95
N ASN A 44 1.20 6.37 4.08
CA ASN A 44 2.06 6.10 2.95
C ASN A 44 3.34 5.45 3.46
N THR A 45 3.98 6.04 4.49
CA THR A 45 5.13 5.46 5.15
C THR A 45 4.85 4.02 5.58
N MET A 46 3.73 3.75 6.27
CA MET A 46 3.41 2.43 6.80
C MET A 46 3.28 1.40 5.68
N CYS A 47 2.51 1.71 4.64
CA CYS A 47 2.31 0.84 3.47
C CYS A 47 3.66 0.50 2.84
N LEU A 48 4.46 1.54 2.55
CA LEU A 48 5.78 1.40 1.95
C LEU A 48 6.68 0.52 2.81
N LEU A 49 6.62 0.69 4.13
CA LEU A 49 7.40 -0.08 5.09
C LEU A 49 7.22 -1.57 4.88
N GLN A 50 5.99 -2.02 4.57
CA GLN A 50 5.70 -3.42 4.40
C GLN A 50 6.05 -3.87 2.98
N ALA A 51 5.61 -3.11 1.97
CA ALA A 51 5.90 -3.40 0.56
C ALA A 51 7.40 -3.62 0.36
N GLY A 52 8.25 -2.74 0.89
CA GLY A 52 9.70 -2.84 0.76
C GLY A 52 10.37 -3.60 1.90
N ALA A 53 9.62 -4.21 2.84
CA ALA A 53 10.14 -4.74 4.11
C ALA A 53 11.38 -5.61 3.93
N ALA A 54 11.27 -6.62 3.06
CA ALA A 54 12.33 -7.35 2.41
C ALA A 54 11.95 -7.47 0.92
N GLY A 55 11.44 -6.37 0.36
CA GLY A 55 11.02 -6.22 -1.02
C GLY A 55 9.67 -6.87 -1.37
N SER A 56 9.19 -7.84 -0.58
CA SER A 56 7.90 -8.52 -0.68
C SER A 56 7.49 -9.06 -2.07
N GLY A 57 8.36 -9.04 -3.09
CA GLY A 57 8.02 -9.32 -4.49
C GLY A 57 7.36 -8.13 -5.19
N CYS A 58 7.31 -6.98 -4.52
CA CYS A 58 6.78 -5.71 -5.00
C CYS A 58 7.85 -4.98 -5.82
N ASP A 59 7.69 -3.67 -6.02
CA ASP A 59 8.60 -2.80 -6.74
C ASP A 59 8.74 -1.51 -5.94
N MET A 60 9.96 -1.06 -5.64
CA MET A 60 10.16 0.15 -4.84
C MET A 60 11.34 1.02 -5.29
N GLU A 61 11.36 2.25 -4.77
CA GLU A 61 12.41 3.23 -4.98
C GLU A 61 13.22 3.41 -3.70
#